data_7TC2
#
_entry.id   7TC2
#
_cell.length_a   46.647
_cell.length_b   140.779
_cell.length_c   89.567
_cell.angle_alpha   90.00
_cell.angle_beta   92.93
_cell.angle_gamma   90.00
#
_symmetry.space_group_name_H-M   'P 1 21 1'
#
loop_
_entity.id
_entity.type
_entity.pdbx_description
1 polymer 'DNA-(apurinic or apyrimidinic site) endonuclease, mitochondrial'
2 non-polymer '5-nitro-1H-indole-2-carboxylic acid'
3 non-polymer 1,2-ETHANEDIOL
4 non-polymer DI(HYDROXYETHYL)ETHER
5 water water
#
_entity_poly.entity_id   1
_entity_poly.type   'polypeptide(L)'
_entity_poly.pdbx_seq_one_letter_code
;GSHMASGEGPALYEDPPDQKTSPSGKPATLKICSWNVDGLRAWIKKKGLDWVKEEAPDILCLQETKCSENKLPAELQELP
GLSHQYWSAPSDKEGYSGVGLLSRQCPLKVSYGIGDEEHDQEGRVIVAEFDSFVLVTAYVPNAGRGLVRLEYRQRWDEAF
RKFLKGLASRKPLVLCGDLNVAHEEIDLRNPKGNKKNAGFTPQERQGFGELLQAVPLADSFRHLYPNTPYAYTFWTYMMN
ARSKNVGWRLDYFLLSHSLLPALCDSKIRSKALGSDHCPITLYLAL
;
_entity_poly.pdbx_strand_id   A,B,C,D
#
# COMPACT_ATOMS: atom_id res chain seq x y z
N ALA A 5 10.28 -17.33 42.24
CA ALA A 5 8.83 -17.42 42.33
C ALA A 5 8.21 -17.01 41.00
N SER A 6 7.58 -17.97 40.28
CA SER A 6 6.94 -17.80 38.97
C SER A 6 6.22 -16.48 38.80
N GLY A 7 6.41 -15.86 37.64
CA GLY A 7 5.80 -14.56 37.38
C GLY A 7 4.52 -14.60 36.58
N GLU A 8 4.25 -15.73 35.90
CA GLU A 8 3.07 -15.80 35.07
C GLU A 8 1.91 -16.56 35.68
N GLY A 9 0.74 -15.99 35.51
CA GLY A 9 -0.53 -16.62 35.81
C GLY A 9 -1.25 -16.89 34.50
N PRO A 10 -2.52 -17.33 34.53
CA PRO A 10 -3.21 -17.60 33.26
C PRO A 10 -3.41 -16.37 32.37
N ALA A 11 -3.26 -16.56 31.05
CA ALA A 11 -3.53 -15.52 30.07
C ALA A 11 -4.53 -16.12 29.09
N LEU A 12 -5.65 -15.46 28.88
CA LEU A 12 -6.67 -15.98 27.99
C LEU A 12 -6.31 -15.92 26.52
N TYR A 13 -6.64 -16.97 25.79
CA TYR A 13 -6.53 -16.99 24.35
C TYR A 13 -7.71 -17.79 23.79
N GLU A 14 -8.52 -17.15 22.99
CA GLU A 14 -9.65 -17.79 22.34
C GLU A 14 -9.48 -17.67 20.86
N ASP A 15 -9.14 -18.79 20.18
CA ASP A 15 -8.93 -18.78 18.73
C ASP A 15 -10.23 -18.40 18.07
N PRO A 16 -10.21 -17.41 17.17
CA PRO A 16 -11.47 -16.96 16.57
C PRO A 16 -12.16 -18.03 15.71
N PRO A 17 -13.45 -17.83 15.38
CA PRO A 17 -14.15 -18.82 14.53
C PRO A 17 -13.45 -19.07 13.19
N ASP A 18 -13.65 -20.26 12.60
CA ASP A 18 -12.99 -20.58 11.35
C ASP A 18 -13.56 -19.76 10.22
N GLN A 19 -12.69 -19.01 9.54
CA GLN A 19 -13.09 -18.26 8.35
C GLN A 19 -12.83 -19.23 7.18
N LYS A 20 -13.91 -19.81 6.63
CA LYS A 20 -13.76 -20.81 5.56
C LYS A 20 -13.93 -20.27 4.15
N THR A 21 -13.84 -18.95 3.98
CA THR A 21 -13.93 -18.35 2.66
C THR A 21 -12.73 -17.44 2.50
N SER A 22 -12.22 -17.35 1.27
CA SER A 22 -11.09 -16.47 0.97
C SER A 22 -11.56 -14.99 1.01
N PRO A 23 -10.64 -13.99 0.98
CA PRO A 23 -11.09 -12.58 1.01
C PRO A 23 -12.06 -12.26 -0.13
N SER A 24 -11.95 -12.95 -1.29
CA SER A 24 -12.86 -12.73 -2.42
C SER A 24 -14.22 -13.44 -2.27
N GLY A 25 -14.35 -14.33 -1.30
CA GLY A 25 -15.58 -15.08 -1.08
C GLY A 25 -15.52 -16.50 -1.60
N LYS A 26 -14.35 -16.98 -2.05
CA LYS A 26 -14.22 -18.33 -2.58
C LYS A 26 -14.13 -19.35 -1.43
N PRO A 27 -15.01 -20.36 -1.38
CA PRO A 27 -14.94 -21.34 -0.28
C PRO A 27 -13.64 -22.11 -0.23
N ALA A 28 -13.20 -22.50 0.99
CA ALA A 28 -12.01 -23.33 1.13
C ALA A 28 -12.26 -24.68 0.44
N THR A 29 -11.26 -25.17 -0.27
CA THR A 29 -11.30 -26.46 -0.92
C THR A 29 -10.27 -27.45 -0.33
N LEU A 30 -9.38 -26.96 0.54
CA LEU A 30 -8.36 -27.81 1.13
C LEU A 30 -8.17 -27.42 2.59
N LYS A 31 -8.20 -28.42 3.49
CA LYS A 31 -8.01 -28.21 4.92
C LYS A 31 -6.80 -29.06 5.33
N ILE A 32 -5.71 -28.44 5.79
CA ILE A 32 -4.52 -29.18 6.18
C ILE A 32 -4.38 -29.03 7.68
N CYS A 33 -4.09 -30.12 8.39
CA CYS A 33 -3.85 -30.05 9.84
C CYS A 33 -2.43 -30.50 10.08
N SER A 34 -1.74 -29.81 10.96
CA SER A 34 -0.37 -30.20 11.30
C SER A 34 -0.30 -30.35 12.80
N TRP A 35 0.42 -31.40 13.30
CA TRP A 35 0.46 -31.62 14.75
C TRP A 35 1.73 -32.33 15.15
N ASN A 36 2.47 -31.76 16.11
CA ASN A 36 3.63 -32.46 16.68
C ASN A 36 2.98 -33.33 17.76
N VAL A 37 2.99 -34.65 17.54
CA VAL A 37 2.30 -35.58 18.42
C VAL A 37 3.13 -36.08 19.59
N ASP A 38 4.42 -35.74 19.64
CA ASP A 38 5.36 -36.14 20.72
C ASP A 38 5.23 -37.64 21.05
N GLY A 39 5.33 -38.45 20.02
CA GLY A 39 5.24 -39.88 20.11
C GLY A 39 3.89 -40.34 19.59
N LEU A 40 3.91 -41.01 18.46
CA LEU A 40 2.73 -41.49 17.81
C LEU A 40 1.93 -42.46 18.68
N ARG A 41 2.63 -43.36 19.40
CA ARG A 41 1.92 -44.31 20.26
C ARG A 41 1.31 -43.64 21.46
N ALA A 42 2.06 -42.74 22.10
CA ALA A 42 1.57 -42.02 23.28
C ALA A 42 0.34 -41.17 22.90
N TRP A 43 0.42 -40.50 21.74
CA TRP A 43 -0.63 -39.64 21.21
C TRP A 43 -1.89 -40.45 20.93
N ILE A 44 -1.74 -41.65 20.31
CA ILE A 44 -2.90 -42.51 20.06
C ILE A 44 -3.57 -42.91 21.38
N LYS A 45 -2.77 -43.29 22.39
CA LYS A 45 -3.27 -43.66 23.72
C LYS A 45 -4.02 -42.48 24.37
N LYS A 46 -3.57 -41.24 24.10
CA LYS A 46 -4.22 -40.03 24.60
C LYS A 46 -5.36 -39.51 23.71
N LYS A 47 -5.94 -40.37 22.85
CA LYS A 47 -7.09 -40.11 22.01
C LYS A 47 -6.87 -39.09 20.88
N GLY A 48 -5.64 -39.02 20.40
CA GLY A 48 -5.32 -38.11 19.29
C GLY A 48 -6.07 -38.39 18.01
N LEU A 49 -6.32 -39.67 17.70
CA LEU A 49 -7.05 -40.04 16.47
C LEU A 49 -8.51 -39.62 16.51
N ASP A 50 -9.12 -39.67 17.71
CA ASP A 50 -10.51 -39.24 17.86
C ASP A 50 -10.63 -37.74 17.53
N TRP A 51 -9.60 -36.94 17.87
CA TRP A 51 -9.57 -35.54 17.52
C TRP A 51 -9.42 -35.32 15.98
N VAL A 52 -8.52 -36.06 15.34
CA VAL A 52 -8.34 -36.02 13.88
C VAL A 52 -9.67 -36.33 13.16
N LYS A 53 -10.41 -37.30 13.68
CA LYS A 53 -11.70 -37.66 13.08
C LYS A 53 -12.69 -36.49 13.12
N GLU A 54 -12.71 -35.75 14.23
CA GLU A 54 -13.64 -34.58 14.38
C GLU A 54 -13.20 -33.45 13.45
N GLU A 55 -11.89 -33.25 13.33
CA GLU A 55 -11.36 -32.19 12.49
C GLU A 55 -11.55 -32.49 10.99
N ALA A 56 -11.44 -33.78 10.63
CA ALA A 56 -11.63 -34.27 9.26
C ALA A 56 -10.82 -33.46 8.22
N PRO A 57 -9.50 -33.37 8.40
CA PRO A 57 -8.68 -32.65 7.42
C PRO A 57 -8.55 -33.44 6.13
N ASP A 58 -8.23 -32.75 5.03
CA ASP A 58 -7.92 -33.44 3.77
C ASP A 58 -6.48 -33.99 3.83
N ILE A 59 -5.58 -33.27 4.51
CA ILE A 59 -4.20 -33.69 4.65
C ILE A 59 -3.83 -33.49 6.14
N LEU A 60 -3.13 -34.46 6.71
CA LEU A 60 -2.68 -34.45 8.09
C LEU A 60 -1.17 -34.62 8.10
N CYS A 61 -0.44 -33.66 8.68
CA CYS A 61 0.99 -33.73 8.78
C CYS A 61 1.31 -33.94 10.24
N LEU A 62 2.18 -34.89 10.56
CA LEU A 62 2.55 -35.18 11.92
C LEU A 62 4.06 -35.05 12.12
N GLN A 63 4.46 -34.46 13.26
CA GLN A 63 5.88 -34.39 13.58
C GLN A 63 6.18 -35.08 14.90
N GLU A 64 7.45 -35.47 15.07
CA GLU A 64 7.98 -36.15 16.26
C GLU A 64 7.15 -37.44 16.51
N THR A 65 6.96 -38.23 15.43
CA THR A 65 6.23 -39.48 15.53
C THR A 65 6.98 -40.52 16.38
N LYS A 66 8.31 -40.38 16.47
CA LYS A 66 9.22 -41.27 17.23
C LYS A 66 9.01 -42.73 16.82
N CYS A 67 8.44 -42.96 15.64
CA CYS A 67 8.11 -44.29 15.19
CA CYS A 67 8.14 -44.31 15.19
C CYS A 67 8.78 -44.61 13.88
N SER A 68 9.37 -45.79 13.80
CA SER A 68 10.00 -46.29 12.59
C SER A 68 8.87 -46.60 11.60
N GLU A 69 9.15 -46.35 10.33
CA GLU A 69 8.22 -46.63 9.24
C GLU A 69 7.79 -48.13 9.20
N ASN A 70 8.62 -49.02 9.77
CA ASN A 70 8.31 -50.45 9.81
C ASN A 70 7.75 -50.93 11.17
N LYS A 71 7.35 -49.99 12.04
CA LYS A 71 6.77 -50.30 13.36
C LYS A 71 5.57 -49.39 13.63
N LEU A 72 4.81 -49.04 12.59
CA LEU A 72 3.66 -48.16 12.74
C LEU A 72 2.56 -48.85 13.54
N PRO A 73 1.89 -48.11 14.44
CA PRO A 73 0.82 -48.71 15.23
C PRO A 73 -0.33 -49.15 14.34
N ALA A 74 -0.91 -50.31 14.64
CA ALA A 74 -2.03 -50.83 13.85
C ALA A 74 -3.27 -49.93 13.95
N GLU A 75 -3.40 -49.14 15.05
CA GLU A 75 -4.54 -48.23 15.23
C GLU A 75 -4.63 -47.16 14.16
N LEU A 76 -3.53 -46.89 13.40
CA LEU A 76 -3.57 -45.93 12.28
C LEU A 76 -4.60 -46.37 11.22
N GLN A 77 -4.95 -47.66 11.16
CA GLN A 77 -5.95 -48.16 10.23
C GLN A 77 -7.37 -47.64 10.55
N GLU A 78 -7.57 -47.04 11.75
CA GLU A 78 -8.86 -46.45 12.10
C GLU A 78 -8.98 -44.99 11.57
N LEU A 79 -8.14 -44.60 10.60
CA LEU A 79 -8.23 -43.29 9.98
C LEU A 79 -8.69 -43.39 8.54
N PRO A 80 -10.01 -43.45 8.32
CA PRO A 80 -10.50 -43.49 6.94
C PRO A 80 -10.48 -42.09 6.32
N GLY A 81 -10.40 -42.03 5.01
CA GLY A 81 -10.32 -40.75 4.31
C GLY A 81 -8.94 -40.14 4.30
N LEU A 82 -7.92 -40.87 4.83
CA LEU A 82 -6.51 -40.44 4.83
C LEU A 82 -5.70 -41.70 4.51
N SER A 83 -6.03 -42.35 3.39
CA SER A 83 -5.47 -43.65 3.00
C SER A 83 -4.08 -43.58 2.39
N HIS A 84 -3.66 -42.41 1.88
CA HIS A 84 -2.32 -42.29 1.28
C HIS A 84 -1.39 -41.81 2.39
N GLN A 85 -0.58 -42.72 2.93
CA GLN A 85 0.25 -42.42 4.11
C GLN A 85 1.75 -42.56 3.84
N TYR A 86 2.49 -41.56 4.27
CA TYR A 86 3.94 -41.48 4.02
C TYR A 86 4.64 -41.15 5.29
N TRP A 87 5.74 -41.83 5.56
CA TRP A 87 6.46 -41.68 6.81
C TRP A 87 7.96 -41.61 6.60
N SER A 88 8.61 -40.82 7.43
CA SER A 88 10.05 -40.73 7.43
C SER A 88 10.52 -40.81 8.85
N ALA A 89 11.57 -41.59 9.10
CA ALA A 89 12.13 -41.67 10.43
C ALA A 89 13.64 -41.89 10.31
N PRO A 90 14.37 -41.66 11.40
CA PRO A 90 15.84 -41.81 11.35
C PRO A 90 16.34 -43.14 10.85
N SER A 91 17.57 -43.11 10.27
CA SER A 91 18.28 -44.27 9.76
C SER A 91 18.50 -45.26 10.92
N GLU A 94 14.99 -45.81 16.00
CA GLU A 94 13.61 -45.55 16.40
C GLU A 94 13.53 -44.87 17.78
N GLY A 95 12.52 -44.03 17.97
CA GLY A 95 12.33 -43.34 19.24
C GLY A 95 12.64 -41.86 19.24
N TYR A 96 13.00 -41.30 18.07
CA TYR A 96 13.24 -39.86 17.99
C TYR A 96 12.89 -39.30 16.64
N SER A 97 12.58 -38.02 16.63
CA SER A 97 12.24 -37.30 15.41
C SER A 97 11.09 -38.06 14.65
N GLY A 98 11.09 -38.06 13.32
CA GLY A 98 10.07 -38.77 12.57
C GLY A 98 8.94 -37.84 12.16
N VAL A 99 8.51 -37.95 10.91
CA VAL A 99 7.40 -37.16 10.43
C VAL A 99 6.47 -38.05 9.61
N GLY A 100 5.23 -37.60 9.48
CA GLY A 100 4.25 -38.33 8.68
C GLY A 100 3.40 -37.40 7.86
N LEU A 101 2.88 -37.87 6.73
CA LEU A 101 1.94 -37.07 5.93
C LEU A 101 0.86 -38.06 5.45
N LEU A 102 -0.41 -37.76 5.74
CA LEU A 102 -1.52 -38.64 5.40
C LEU A 102 -2.47 -37.79 4.58
N SER A 103 -2.86 -38.29 3.40
CA SER A 103 -3.68 -37.49 2.50
CA SER A 103 -3.73 -37.49 2.54
C SER A 103 -4.89 -38.28 1.96
N ARG A 104 -6.02 -37.60 1.73
CA ARG A 104 -7.21 -38.22 1.09
C ARG A 104 -6.92 -38.48 -0.38
N GLN A 105 -6.28 -37.53 -1.07
CA GLN A 105 -5.92 -37.71 -2.47
C GLN A 105 -4.45 -38.07 -2.62
N CYS A 106 -4.12 -38.85 -3.63
CA CYS A 106 -2.75 -39.26 -3.87
C CYS A 106 -1.89 -38.08 -4.39
N PRO A 107 -0.70 -37.83 -3.79
CA PRO A 107 0.16 -36.75 -4.31
C PRO A 107 0.82 -37.17 -5.64
N LEU A 108 1.16 -36.20 -6.47
CA LEU A 108 1.87 -36.45 -7.73
C LEU A 108 3.25 -37.08 -7.46
N LYS A 109 3.91 -36.63 -6.39
CA LYS A 109 5.22 -37.14 -6.03
C LYS A 109 5.48 -36.91 -4.57
N VAL A 110 6.14 -37.87 -3.92
CA VAL A 110 6.53 -37.75 -2.53
C VAL A 110 8.05 -37.90 -2.46
N SER A 111 8.72 -37.01 -1.75
CA SER A 111 10.15 -37.04 -1.56
C SER A 111 10.46 -36.92 -0.06
N TYR A 112 11.64 -37.36 0.33
CA TYR A 112 12.08 -37.30 1.72
C TYR A 112 13.37 -36.53 1.81
N GLY A 113 13.47 -35.67 2.81
CA GLY A 113 14.67 -34.88 3.02
C GLY A 113 14.77 -33.65 2.15
N ILE A 114 15.92 -32.97 2.23
CA ILE A 114 16.17 -31.71 1.53
C ILE A 114 17.30 -31.78 0.50
N GLY A 115 17.64 -32.99 0.06
CA GLY A 115 18.70 -33.21 -0.93
C GLY A 115 20.12 -33.00 -0.44
N ASP A 116 20.33 -33.02 0.88
CA ASP A 116 21.65 -32.83 1.46
C ASP A 116 21.87 -33.91 2.52
N GLU A 117 22.78 -34.87 2.23
CA GLU A 117 23.11 -36.02 3.09
C GLU A 117 23.32 -35.67 4.56
N GLU A 118 24.00 -34.56 4.85
CA GLU A 118 24.26 -34.13 6.22
C GLU A 118 22.98 -33.93 7.01
N HIS A 119 21.93 -33.42 6.34
CA HIS A 119 20.66 -33.07 6.99
C HIS A 119 19.53 -34.09 6.78
N ASP A 120 19.79 -35.18 6.06
CA ASP A 120 18.74 -36.14 5.71
C ASP A 120 18.75 -37.45 6.47
N GLN A 121 19.46 -37.53 7.60
CA GLN A 121 19.55 -38.80 8.33
C GLN A 121 18.64 -38.91 9.54
N GLU A 122 17.82 -37.87 9.86
CA GLU A 122 17.01 -37.93 11.07
C GLU A 122 15.48 -37.90 10.82
N GLY A 123 15.03 -38.20 9.61
CA GLY A 123 13.60 -38.28 9.27
C GLY A 123 12.81 -37.05 9.66
N ARG A 124 13.19 -35.92 9.10
CA ARG A 124 12.61 -34.64 9.50
C ARG A 124 11.69 -34.01 8.47
N VAL A 125 11.81 -34.42 7.19
CA VAL A 125 11.09 -33.71 6.12
C VAL A 125 10.42 -34.64 5.13
N ILE A 126 9.16 -34.31 4.76
CA ILE A 126 8.45 -34.99 3.69
C ILE A 126 7.99 -33.89 2.74
N VAL A 127 8.16 -34.11 1.45
CA VAL A 127 7.72 -33.14 0.43
C VAL A 127 6.66 -33.85 -0.38
N ALA A 128 5.47 -33.28 -0.50
CA ALA A 128 4.41 -33.88 -1.31
C ALA A 128 3.95 -32.85 -2.34
N GLU A 129 4.12 -33.18 -3.63
CA GLU A 129 3.73 -32.27 -4.69
C GLU A 129 2.33 -32.60 -5.11
N PHE A 130 1.50 -31.58 -5.25
CA PHE A 130 0.13 -31.68 -5.71
C PHE A 130 -0.02 -30.81 -6.97
N ASP A 131 -1.22 -30.81 -7.57
CA ASP A 131 -1.44 -30.04 -8.78
C ASP A 131 -1.09 -28.56 -8.69
N SER A 132 -1.62 -27.83 -7.68
CA SER A 132 -1.37 -26.39 -7.63
CA SER A 132 -1.47 -26.38 -7.53
C SER A 132 -0.33 -25.93 -6.62
N PHE A 133 0.23 -26.85 -5.82
CA PHE A 133 1.23 -26.45 -4.85
C PHE A 133 2.04 -27.63 -4.37
N VAL A 134 3.15 -27.29 -3.73
CA VAL A 134 3.97 -28.32 -3.06
CA VAL A 134 4.00 -28.32 -3.04
C VAL A 134 3.97 -28.13 -1.47
N LEU A 135 3.61 -29.22 -0.81
CA LEU A 135 3.50 -29.16 0.64
C LEU A 135 4.77 -29.76 1.23
N VAL A 136 5.36 -29.08 2.20
CA VAL A 136 6.51 -29.62 2.90
C VAL A 136 6.14 -29.68 4.36
N THR A 137 6.39 -30.84 5.01
CA THR A 137 6.23 -30.88 6.45
C THR A 137 7.59 -31.14 7.09
N ALA A 138 7.87 -30.41 8.17
CA ALA A 138 9.17 -30.52 8.80
C ALA A 138 9.11 -30.52 10.30
N TYR A 139 10.10 -31.22 10.90
CA TYR A 139 10.39 -31.23 12.30
C TYR A 139 11.86 -30.69 12.34
N VAL A 140 11.99 -29.38 12.55
CA VAL A 140 13.29 -28.72 12.53
C VAL A 140 14.15 -29.14 13.70
N PRO A 141 15.47 -29.35 13.51
CA PRO A 141 16.33 -29.72 14.68
C PRO A 141 16.28 -28.73 15.82
N ASN A 142 16.08 -29.22 17.03
CA ASN A 142 16.09 -28.41 18.26
C ASN A 142 17.56 -28.00 18.56
N ALA A 143 17.76 -26.76 19.04
CA ALA A 143 19.11 -26.26 19.35
C ALA A 143 19.75 -27.00 20.55
N GLY A 144 18.95 -27.73 21.30
CA GLY A 144 19.43 -28.58 22.38
C GLY A 144 19.60 -27.93 23.74
N ARG A 145 19.76 -28.81 24.77
CA ARG A 145 20.05 -28.33 26.12
C ARG A 145 21.43 -27.68 26.07
N GLY A 146 21.58 -26.52 26.72
CA GLY A 146 22.85 -25.80 26.70
C GLY A 146 23.26 -25.31 25.32
N LEU A 147 22.32 -25.31 24.34
CA LEU A 147 22.57 -24.87 22.98
C LEU A 147 23.68 -25.67 22.28
N VAL A 148 23.89 -26.93 22.68
CA VAL A 148 24.96 -27.74 22.09
C VAL A 148 24.75 -28.04 20.61
N ARG A 149 23.51 -27.91 20.12
CA ARG A 149 23.23 -28.20 18.68
C ARG A 149 22.94 -26.91 17.90
N LEU A 150 23.24 -25.75 18.48
CA LEU A 150 22.95 -24.48 17.82
C LEU A 150 23.77 -24.25 16.56
N GLU A 151 25.05 -24.64 16.55
CA GLU A 151 25.88 -24.47 15.35
C GLU A 151 25.32 -25.36 14.23
N TYR A 152 24.92 -26.61 14.58
CA TYR A 152 24.32 -27.51 13.61
C TYR A 152 22.97 -26.92 13.11
N ARG A 153 22.17 -26.35 14.02
CA ARG A 153 20.86 -25.79 13.67
C ARG A 153 21.03 -24.65 12.66
N GLN A 154 22.10 -23.83 12.80
CA GLN A 154 22.35 -22.75 11.84
C GLN A 154 22.69 -23.31 10.46
N ARG A 155 23.44 -24.42 10.42
CA ARG A 155 23.76 -25.07 9.14
C ARG A 155 22.49 -25.63 8.51
N TRP A 156 21.64 -26.25 9.34
CA TRP A 156 20.38 -26.78 8.88
C TRP A 156 19.53 -25.64 8.29
N ASP A 157 19.43 -24.51 9.02
CA ASP A 157 18.61 -23.38 8.56
C ASP A 157 18.98 -22.87 7.21
N GLU A 158 20.30 -22.78 6.94
CA GLU A 158 20.78 -22.29 5.66
C GLU A 158 20.45 -23.30 4.55
N ALA A 159 20.73 -24.59 4.78
CA ALA A 159 20.46 -25.63 3.78
C ALA A 159 18.94 -25.76 3.48
N PHE A 160 18.12 -25.63 4.52
CA PHE A 160 16.66 -25.73 4.36
C PHE A 160 16.14 -24.55 3.58
N ARG A 161 16.66 -23.34 3.87
CA ARG A 161 16.23 -22.10 3.19
C ARG A 161 16.56 -22.20 1.69
N LYS A 162 17.77 -22.65 1.37
CA LYS A 162 18.22 -22.85 -0.01
C LYS A 162 17.31 -23.86 -0.73
N PHE A 163 17.03 -24.99 -0.06
CA PHE A 163 16.17 -26.03 -0.63
C PHE A 163 14.74 -25.50 -0.91
N LEU A 164 14.14 -24.78 0.06
CA LEU A 164 12.80 -24.25 -0.11
C LEU A 164 12.71 -23.17 -1.18
N LYS A 165 13.73 -22.32 -1.29
CA LYS A 165 13.79 -21.29 -2.34
C LYS A 165 13.75 -21.96 -3.73
N GLY A 166 14.45 -23.09 -3.86
CA GLY A 166 14.47 -23.85 -5.11
C GLY A 166 13.12 -24.44 -5.45
N LEU A 167 12.41 -24.99 -4.44
CA LEU A 167 11.07 -25.55 -4.64
C LEU A 167 10.10 -24.45 -5.05
N ALA A 168 10.15 -23.30 -4.36
CA ALA A 168 9.25 -22.16 -4.61
C ALA A 168 9.43 -21.53 -5.99
N SER A 169 10.61 -21.67 -6.60
CA SER A 169 10.86 -21.14 -7.94
C SER A 169 10.11 -21.90 -9.05
N ARG A 170 9.54 -23.08 -8.73
CA ARG A 170 8.82 -23.88 -9.71
C ARG A 170 7.32 -23.91 -9.40
N LYS A 171 6.95 -24.01 -8.14
CA LYS A 171 5.53 -24.10 -7.76
C LYS A 171 5.26 -23.39 -6.42
N PRO A 172 4.04 -22.89 -6.18
CA PRO A 172 3.73 -22.27 -4.87
C PRO A 172 3.91 -23.29 -3.74
N LEU A 173 4.39 -22.82 -2.58
CA LEU A 173 4.75 -23.71 -1.48
C LEU A 173 3.95 -23.48 -0.20
N VAL A 174 3.68 -24.58 0.52
CA VAL A 174 3.13 -24.48 1.87
C VAL A 174 4.12 -25.24 2.73
N LEU A 175 4.70 -24.61 3.74
CA LEU A 175 5.60 -25.31 4.66
C LEU A 175 4.87 -25.38 5.99
N CYS A 176 4.74 -26.58 6.56
CA CYS A 176 4.13 -26.65 7.89
C CYS A 176 4.93 -27.52 8.82
N GLY A 177 4.73 -27.28 10.09
CA GLY A 177 5.35 -28.17 11.07
C GLY A 177 5.90 -27.42 12.23
N ASP A 178 6.73 -28.14 12.97
CA ASP A 178 7.35 -27.63 14.19
C ASP A 178 8.68 -27.08 13.77
N LEU A 179 8.72 -25.77 13.62
CA LEU A 179 9.94 -25.10 13.16
C LEU A 179 10.91 -24.75 14.27
N ASN A 180 10.57 -25.10 15.51
CA ASN A 180 11.45 -24.96 16.68
C ASN A 180 12.05 -23.56 16.86
N VAL A 181 11.21 -22.55 16.68
CA VAL A 181 11.54 -21.18 16.96
C VAL A 181 10.29 -20.37 17.18
N ALA A 182 10.28 -19.50 18.19
CA ALA A 182 9.23 -18.52 18.41
C ALA A 182 9.84 -17.25 17.76
N HIS A 183 9.28 -16.83 16.62
CA HIS A 183 9.91 -15.74 15.84
C HIS A 183 10.14 -14.44 16.64
N GLU A 184 9.09 -13.91 17.27
CA GLU A 184 9.13 -12.63 17.97
C GLU A 184 8.68 -12.75 19.40
N GLU A 185 8.85 -11.67 20.20
CA GLU A 185 8.41 -11.70 21.60
C GLU A 185 6.93 -12.09 21.78
N ILE A 186 6.06 -11.62 20.86
CA ILE A 186 4.64 -11.96 20.94
C ILE A 186 4.41 -13.50 20.76
N ASP A 187 5.43 -14.24 20.26
CA ASP A 187 5.31 -15.67 20.01
C ASP A 187 5.62 -16.57 21.20
N LEU A 188 5.94 -15.99 22.36
CA LEU A 188 6.11 -16.80 23.57
C LEU A 188 5.73 -16.00 24.80
N ARG A 189 5.36 -16.70 25.88
CA ARG A 189 4.92 -16.02 27.09
C ARG A 189 6.04 -15.35 27.85
N ASN A 190 7.23 -15.94 27.82
CA ASN A 190 8.36 -15.40 28.56
C ASN A 190 9.59 -15.12 27.67
N PRO A 191 9.55 -14.06 26.85
CA PRO A 191 10.72 -13.73 26.04
C PRO A 191 11.99 -13.43 26.85
N LYS A 192 11.86 -12.69 27.96
CA LYS A 192 13.04 -12.29 28.75
C LYS A 192 13.80 -13.44 29.34
N GLY A 193 13.09 -14.44 29.86
CA GLY A 193 13.76 -15.58 30.49
C GLY A 193 14.28 -16.64 29.53
N ASN A 194 13.91 -16.53 28.26
CA ASN A 194 14.26 -17.55 27.27
C ASN A 194 15.19 -17.10 26.14
N LYS A 195 15.77 -15.91 26.21
CA LYS A 195 16.67 -15.41 25.16
C LYS A 195 17.96 -16.21 24.95
N LYS A 196 18.31 -17.04 25.93
CA LYS A 196 19.48 -17.93 25.83
C LYS A 196 19.08 -19.41 25.82
N ASN A 197 17.78 -19.71 25.53
CA ASN A 197 17.32 -21.07 25.50
C ASN A 197 16.92 -21.43 24.08
N ALA A 198 17.00 -22.73 23.75
CA ALA A 198 16.58 -23.25 22.45
C ALA A 198 15.16 -22.79 22.11
N GLY A 199 15.00 -22.27 20.91
CA GLY A 199 13.72 -21.79 20.43
C GLY A 199 13.57 -20.28 20.43
N PHE A 200 14.43 -19.57 21.16
CA PHE A 200 14.30 -18.11 21.19
C PHE A 200 15.67 -17.43 21.18
N THR A 201 16.72 -18.10 20.67
CA THR A 201 18.03 -17.44 20.58
C THR A 201 17.97 -16.48 19.43
N PRO A 202 18.82 -15.42 19.47
CA PRO A 202 18.86 -14.48 18.34
C PRO A 202 19.19 -15.23 17.03
N GLN A 203 20.07 -16.26 17.09
CA GLN A 203 20.45 -17.01 15.90
C GLN A 203 19.23 -17.69 15.27
N GLU A 204 18.41 -18.33 16.10
CA GLU A 204 17.21 -18.99 15.59
C GLU A 204 16.24 -17.97 15.07
N ARG A 205 15.97 -16.87 15.80
CA ARG A 205 15.00 -15.85 15.34
C ARG A 205 15.46 -15.21 14.03
N GLN A 206 16.75 -14.92 13.94
CA GLN A 206 17.30 -14.32 12.73
C GLN A 206 17.16 -15.31 11.54
N GLY A 207 17.36 -16.60 11.78
CA GLY A 207 17.17 -17.61 10.75
C GLY A 207 15.72 -17.65 10.26
N PHE A 208 14.75 -17.51 11.19
CA PHE A 208 13.33 -17.52 10.78
C PHE A 208 13.02 -16.32 9.90
N GLY A 209 13.54 -15.14 10.28
CA GLY A 209 13.35 -13.94 9.49
C GLY A 209 13.96 -14.08 8.10
N GLU A 210 15.12 -14.73 8.02
CA GLU A 210 15.78 -14.98 6.74
C GLU A 210 14.97 -15.91 5.86
N LEU A 211 14.33 -16.91 6.47
CA LEU A 211 13.50 -17.86 5.73
C LEU A 211 12.29 -17.14 5.11
N LEU A 212 11.65 -16.26 5.87
CA LEU A 212 10.49 -15.52 5.35
C LEU A 212 10.94 -14.57 4.22
N GLN A 213 12.09 -13.93 4.35
CA GLN A 213 12.55 -12.97 3.35
C GLN A 213 13.08 -13.60 2.06
N ALA A 214 13.89 -14.66 2.17
CA ALA A 214 14.58 -15.27 1.04
C ALA A 214 13.77 -16.13 0.12
N VAL A 215 12.79 -16.90 0.63
CA VAL A 215 12.05 -17.84 -0.22
C VAL A 215 11.19 -17.11 -1.32
N PRO A 216 10.33 -16.10 -1.04
CA PRO A 216 9.88 -15.64 0.28
C PRO A 216 8.63 -16.42 0.74
N LEU A 217 8.36 -16.31 2.04
CA LEU A 217 7.19 -16.97 2.63
C LEU A 217 6.55 -16.02 3.60
N ALA A 218 5.24 -16.18 3.83
CA ALA A 218 4.49 -15.37 4.80
C ALA A 218 4.05 -16.33 5.92
N ASP A 219 4.10 -15.84 7.17
CA ASP A 219 3.61 -16.60 8.32
C ASP A 219 2.10 -16.42 8.31
N SER A 220 1.35 -17.45 7.86
CA SER A 220 -0.11 -17.36 7.69
C SER A 220 -0.85 -16.83 8.95
N PHE A 221 -0.58 -17.41 10.12
CA PHE A 221 -1.24 -16.96 11.34
C PHE A 221 -0.94 -15.50 11.66
N ARG A 222 0.35 -15.11 11.70
CA ARG A 222 0.70 -13.73 12.06
C ARG A 222 0.23 -12.73 10.99
N HIS A 223 0.22 -13.16 9.73
CA HIS A 223 -0.30 -12.30 8.65
C HIS A 223 -1.76 -11.93 8.89
N LEU A 224 -2.55 -12.90 9.37
CA LEU A 224 -3.98 -12.67 9.61
C LEU A 224 -4.26 -12.01 10.97
N TYR A 225 -3.41 -12.28 11.96
CA TYR A 225 -3.63 -11.80 13.32
C TYR A 225 -2.34 -11.11 13.80
N PRO A 226 -1.95 -10.00 13.17
CA PRO A 226 -0.65 -9.38 13.49
C PRO A 226 -0.41 -8.90 14.90
N ASN A 227 -1.46 -8.57 15.62
CA ASN A 227 -1.30 -8.02 16.97
C ASN A 227 -1.86 -8.91 18.08
N THR A 228 -2.21 -10.16 17.77
CA THR A 228 -2.82 -11.05 18.74
C THR A 228 -1.80 -11.76 19.63
N PRO A 229 -1.82 -11.48 20.94
CA PRO A 229 -0.88 -12.15 21.84
C PRO A 229 -1.46 -13.41 22.47
N TYR A 230 -0.59 -14.16 23.17
CA TYR A 230 -0.96 -15.35 23.95
C TYR A 230 -1.43 -16.52 23.09
N ALA A 231 -1.11 -16.51 21.79
CA ALA A 231 -1.47 -17.57 20.85
C ALA A 231 -0.28 -18.50 20.68
N TYR A 232 -0.30 -19.64 21.39
CA TYR A 232 0.82 -20.57 21.41
C TYR A 232 0.39 -21.96 20.91
N THR A 233 1.39 -22.78 20.56
CA THR A 233 1.14 -24.15 20.11
C THR A 233 1.94 -25.19 20.90
N PHE A 234 2.74 -24.77 21.86
CA PHE A 234 3.51 -25.69 22.67
C PHE A 234 3.53 -25.18 24.10
N TRP A 235 3.42 -26.10 25.06
CA TRP A 235 3.57 -25.76 26.47
C TRP A 235 4.31 -26.91 27.11
N THR A 236 5.35 -26.61 27.90
CA THR A 236 6.08 -27.69 28.56
C THR A 236 5.14 -28.52 29.45
N TYR A 237 5.38 -29.84 29.52
CA TYR A 237 4.57 -30.69 30.39
C TYR A 237 4.77 -30.32 31.88
N MET A 238 5.86 -29.62 32.21
CA MET A 238 6.20 -29.25 33.59
C MET A 238 5.50 -27.98 34.07
N MET A 239 5.43 -27.81 35.39
CA MET A 239 4.90 -26.64 36.12
C MET A 239 3.50 -26.15 35.71
N ASN A 240 2.58 -27.06 35.31
CA ASN A 240 1.21 -26.72 34.89
C ASN A 240 1.21 -25.60 33.84
N ALA A 241 2.24 -25.58 32.95
CA ALA A 241 2.39 -24.52 31.97
C ALA A 241 1.20 -24.36 31.06
N ARG A 242 0.60 -25.48 30.60
CA ARG A 242 -0.55 -25.38 29.72
C ARG A 242 -1.77 -24.70 30.39
N SER A 243 -2.06 -25.06 31.66
CA SER A 243 -3.21 -24.45 32.36
C SER A 243 -3.01 -22.94 32.60
N LYS A 244 -1.76 -22.46 32.63
CA LYS A 244 -1.48 -21.03 32.77
C LYS A 244 -1.20 -20.35 31.42
N ASN A 245 -1.20 -21.12 30.32
CA ASN A 245 -0.89 -20.57 29.01
C ASN A 245 0.52 -19.95 28.96
N VAL A 246 1.49 -20.64 29.58
CA VAL A 246 2.89 -20.24 29.52
C VAL A 246 3.45 -21.09 28.39
N GLY A 247 3.30 -20.60 27.16
CA GLY A 247 3.67 -21.39 25.99
C GLY A 247 4.51 -20.67 24.96
N TRP A 248 4.71 -21.34 23.81
CA TRP A 248 5.50 -20.82 22.69
C TRP A 248 4.76 -21.18 21.41
N ARG A 249 4.80 -20.32 20.39
CA ARG A 249 4.25 -20.65 19.11
C ARG A 249 5.42 -21.15 18.27
N LEU A 250 5.53 -22.47 18.18
CA LEU A 250 6.62 -23.16 17.44
C LEU A 250 6.11 -23.78 16.18
N ASP A 251 4.76 -23.87 15.96
CA ASP A 251 4.21 -24.60 14.84
C ASP A 251 3.56 -23.61 13.90
N TYR A 252 3.87 -23.72 12.61
CA TYR A 252 3.45 -22.71 11.64
C TYR A 252 2.94 -23.29 10.36
N PHE A 253 2.19 -22.46 9.59
CA PHE A 253 1.98 -22.72 8.18
C PHE A 253 2.58 -21.47 7.49
N LEU A 254 3.64 -21.65 6.73
CA LEU A 254 4.29 -20.58 5.95
C LEU A 254 3.92 -20.78 4.50
N LEU A 255 3.48 -19.72 3.83
CA LEU A 255 2.99 -19.86 2.45
C LEU A 255 3.72 -18.94 1.49
N SER A 256 3.81 -19.37 0.23
CA SER A 256 4.31 -18.49 -0.83
C SER A 256 3.35 -17.28 -0.95
N HIS A 257 3.89 -16.10 -1.31
CA HIS A 257 3.06 -14.91 -1.45
C HIS A 257 1.94 -15.10 -2.47
N SER A 258 2.17 -15.94 -3.50
CA SER A 258 1.15 -16.22 -4.53
C SER A 258 -0.07 -16.95 -3.99
N LEU A 259 0.07 -17.62 -2.81
CA LEU A 259 -1.04 -18.33 -2.18
C LEU A 259 -1.80 -17.45 -1.19
N LEU A 260 -1.35 -16.20 -0.90
CA LEU A 260 -2.07 -15.31 -0.01
C LEU A 260 -3.53 -15.05 -0.46
N PRO A 261 -3.83 -14.85 -1.78
CA PRO A 261 -5.25 -14.72 -2.18
C PRO A 261 -6.11 -15.98 -1.92
N ALA A 262 -5.48 -17.14 -1.72
CA ALA A 262 -6.18 -18.39 -1.42
C ALA A 262 -6.33 -18.63 0.09
N LEU A 263 -5.66 -17.85 0.93
CA LEU A 263 -5.69 -18.04 2.38
C LEU A 263 -7.05 -17.67 2.98
N CYS A 264 -7.70 -18.66 3.62
CA CYS A 264 -8.97 -18.43 4.28
C CYS A 264 -8.72 -18.19 5.75
N ASP A 265 -7.98 -19.12 6.41
CA ASP A 265 -7.68 -18.94 7.83
C ASP A 265 -6.53 -19.86 8.24
N SER A 266 -5.95 -19.55 9.38
CA SER A 266 -4.86 -20.31 9.95
C SER A 266 -5.24 -20.39 11.43
N LYS A 267 -5.57 -21.63 11.89
CA LYS A 267 -6.10 -21.86 13.22
C LYS A 267 -5.11 -22.47 14.17
N ILE A 268 -5.32 -22.22 15.47
CA ILE A 268 -4.54 -22.84 16.52
C ILE A 268 -5.61 -23.58 17.37
N ARG A 269 -5.63 -24.90 17.35
CA ARG A 269 -6.61 -25.70 18.08
C ARG A 269 -6.20 -25.87 19.53
N SER A 270 -6.26 -24.79 20.30
CA SER A 270 -5.78 -24.70 21.69
C SER A 270 -6.22 -25.78 22.67
N LYS A 271 -7.49 -26.22 22.56
CA LYS A 271 -8.04 -27.17 23.54
C LYS A 271 -7.80 -28.65 23.19
N ALA A 272 -7.23 -28.92 22.00
CA ALA A 272 -7.05 -30.30 21.58
C ALA A 272 -5.89 -30.93 22.32
N LEU A 273 -6.20 -31.95 23.14
CA LEU A 273 -5.21 -32.62 23.97
C LEU A 273 -4.55 -33.82 23.25
N GLY A 274 -3.52 -34.39 23.86
CA GLY A 274 -2.84 -35.54 23.30
C GLY A 274 -1.34 -35.40 23.14
N SER A 275 -0.84 -34.18 23.29
CA SER A 275 0.59 -33.91 23.14
C SER A 275 0.97 -32.67 23.97
N ASP A 276 2.26 -32.32 24.00
CA ASP A 276 2.68 -31.03 24.55
C ASP A 276 2.50 -29.90 23.53
N HIS A 277 2.16 -30.25 22.25
CA HIS A 277 1.82 -29.30 21.23
C HIS A 277 0.34 -29.48 20.94
N CYS A 278 -0.29 -28.43 20.44
CA CYS A 278 -1.67 -28.51 19.97
C CYS A 278 -1.64 -28.51 18.44
N PRO A 279 -2.73 -28.94 17.78
CA PRO A 279 -2.73 -28.94 16.30
C PRO A 279 -2.91 -27.51 15.80
N ILE A 280 -2.50 -27.31 14.56
CA ILE A 280 -2.77 -26.10 13.80
C ILE A 280 -3.47 -26.51 12.51
N THR A 281 -4.38 -25.65 12.01
CA THR A 281 -5.12 -26.01 10.80
C THR A 281 -5.17 -24.88 9.79
N LEU A 282 -4.93 -25.19 8.51
CA LEU A 282 -4.94 -24.19 7.46
C LEU A 282 -6.12 -24.47 6.52
N TYR A 283 -6.85 -23.41 6.08
CA TYR A 283 -7.93 -23.51 5.10
C TYR A 283 -7.47 -22.72 3.88
N LEU A 284 -7.40 -23.38 2.71
CA LEU A 284 -7.03 -22.70 1.46
C LEU A 284 -8.14 -22.86 0.42
N ALA A 285 -8.38 -21.81 -0.36
CA ALA A 285 -9.34 -21.85 -1.45
C ALA A 285 -8.56 -22.01 -2.75
N LEU A 286 -8.16 -23.25 -3.07
CA LEU A 286 -7.41 -23.52 -4.31
C LEU A 286 -8.43 -23.95 -5.34
N ALA B 5 -21.37 1.45 17.48
CA ALA B 5 -22.51 2.33 17.79
C ALA B 5 -23.14 2.81 16.49
N SER B 6 -24.20 2.12 16.05
CA SER B 6 -24.86 2.42 14.79
C SER B 6 -25.39 3.84 14.71
N GLY B 7 -25.12 4.47 13.58
CA GLY B 7 -25.57 5.84 13.36
C GLY B 7 -26.83 5.94 12.52
N GLU B 8 -27.19 4.86 11.81
CA GLU B 8 -28.34 4.89 10.95
C GLU B 8 -29.56 4.17 11.46
N GLY B 9 -30.69 4.82 11.33
CA GLY B 9 -32.00 4.26 11.56
C GLY B 9 -32.69 4.06 10.21
N PRO B 10 -33.98 3.73 10.19
CA PRO B 10 -34.64 3.48 8.89
C PRO B 10 -34.72 4.72 8.01
N ALA B 11 -34.54 4.55 6.69
CA ALA B 11 -34.71 5.60 5.72
C ALA B 11 -35.71 5.06 4.68
N LEU B 12 -36.78 5.81 4.40
CA LEU B 12 -37.79 5.34 3.46
C LEU B 12 -37.35 5.38 2.04
N TYR B 13 -37.76 4.37 1.28
CA TYR B 13 -37.60 4.38 -0.17
C TYR B 13 -38.80 3.67 -0.79
N GLU B 14 -39.54 4.37 -1.67
CA GLU B 14 -40.68 3.76 -2.34
C GLU B 14 -40.42 3.87 -3.83
N ASP B 15 -40.13 2.75 -4.48
CA ASP B 15 -39.85 2.76 -5.92
C ASP B 15 -41.12 3.25 -6.64
N PRO B 16 -41.01 4.25 -7.51
CA PRO B 16 -42.21 4.78 -8.19
C PRO B 16 -42.91 3.77 -9.10
N PRO B 17 -44.18 4.00 -9.45
CA PRO B 17 -44.89 3.06 -10.34
C PRO B 17 -44.15 2.81 -11.67
N ASP B 18 -44.37 1.64 -12.28
CA ASP B 18 -43.70 1.30 -13.51
C ASP B 18 -44.16 2.18 -14.67
N GLN B 19 -43.22 2.89 -15.27
CA GLN B 19 -43.51 3.67 -16.47
C GLN B 19 -43.25 2.75 -17.67
N LYS B 20 -44.35 2.26 -18.29
CA LYS B 20 -44.22 1.30 -19.38
C LYS B 20 -44.30 1.90 -20.78
N THR B 21 -44.14 3.23 -20.90
CA THR B 21 -44.12 3.90 -22.19
CA THR B 21 -44.11 3.85 -22.21
C THR B 21 -42.88 4.78 -22.28
N SER B 22 -42.22 4.79 -23.44
CA SER B 22 -41.02 5.60 -23.64
C SER B 22 -41.38 7.12 -23.67
N PRO B 23 -40.38 8.03 -23.61
CA PRO B 23 -40.69 9.46 -23.68
C PRO B 23 -41.45 9.85 -24.96
N SER B 24 -41.23 9.11 -26.06
CA SER B 24 -41.95 9.37 -27.32
C SER B 24 -43.38 8.78 -27.37
N GLY B 25 -43.75 7.98 -26.38
CA GLY B 25 -45.06 7.35 -26.29
C GLY B 25 -45.11 5.91 -26.77
N LYS B 26 -43.93 5.30 -27.03
CA LYS B 26 -43.89 3.94 -27.51
C LYS B 26 -43.97 2.94 -26.34
N PRO B 27 -44.91 1.98 -26.37
CA PRO B 27 -45.01 1.02 -25.25
C PRO B 27 -43.78 0.11 -25.13
N ALA B 28 -43.47 -0.31 -23.89
CA ALA B 28 -42.36 -1.25 -23.68
C ALA B 28 -42.67 -2.57 -24.37
N THR B 29 -41.68 -3.12 -25.08
CA THR B 29 -41.78 -4.41 -25.75
C THR B 29 -40.85 -5.45 -25.13
N LEU B 30 -39.97 -5.03 -24.22
CA LEU B 30 -39.01 -5.96 -23.61
C LEU B 30 -38.88 -5.61 -22.15
N LYS B 31 -39.00 -6.63 -21.27
CA LYS B 31 -38.86 -6.44 -19.83
C LYS B 31 -37.72 -7.37 -19.41
N ILE B 32 -36.61 -6.81 -18.89
CA ILE B 32 -35.50 -7.66 -18.43
C ILE B 32 -35.41 -7.53 -16.92
N CYS B 33 -35.25 -8.65 -16.20
CA CYS B 33 -35.07 -8.64 -14.73
C CYS B 33 -33.71 -9.18 -14.46
N SER B 34 -33.00 -8.53 -13.54
CA SER B 34 -31.66 -9.01 -13.15
C SER B 34 -31.68 -9.21 -11.66
N TRP B 35 -31.04 -10.32 -11.14
CA TRP B 35 -31.09 -10.55 -9.70
C TRP B 35 -29.87 -11.31 -9.27
N ASN B 36 -29.18 -10.82 -8.25
CA ASN B 36 -28.08 -11.55 -7.63
C ASN B 36 -28.80 -12.41 -6.61
N VAL B 37 -28.85 -13.72 -6.85
CA VAL B 37 -29.65 -14.64 -6.05
C VAL B 37 -28.93 -15.18 -4.83
N ASP B 38 -27.63 -14.92 -4.70
CA ASP B 38 -26.80 -15.39 -3.59
C ASP B 38 -27.03 -16.89 -3.29
N GLY B 39 -26.90 -17.69 -4.34
CA GLY B 39 -27.07 -19.13 -4.20
C GLY B 39 -28.39 -19.52 -4.81
N LEU B 40 -28.34 -20.12 -6.02
CA LEU B 40 -29.54 -20.51 -6.78
C LEU B 40 -30.44 -21.46 -5.98
N ARG B 41 -29.86 -22.46 -5.32
CA ARG B 41 -30.67 -23.40 -4.55
C ARG B 41 -31.32 -22.73 -3.34
N ALA B 42 -30.55 -21.90 -2.61
CA ALA B 42 -31.07 -21.20 -1.43
C ALA B 42 -32.22 -20.28 -1.84
N TRP B 43 -32.04 -19.55 -2.96
CA TRP B 43 -33.00 -18.62 -3.53
C TRP B 43 -34.28 -19.35 -3.93
N ILE B 44 -34.15 -20.54 -4.56
CA ILE B 44 -35.34 -21.33 -4.93
C ILE B 44 -36.12 -21.74 -3.67
N LYS B 45 -35.41 -22.17 -2.63
CA LYS B 45 -36.02 -22.54 -1.35
C LYS B 45 -36.72 -21.36 -0.69
N LYS B 46 -36.20 -20.14 -0.90
CA LYS B 46 -36.80 -18.89 -0.38
C LYS B 46 -37.85 -18.29 -1.33
N LYS B 47 -38.43 -19.11 -2.22
CA LYS B 47 -39.52 -18.79 -3.15
C LYS B 47 -39.18 -17.76 -4.23
N GLY B 48 -37.92 -17.71 -4.63
CA GLY B 48 -37.47 -16.81 -5.68
C GLY B 48 -38.15 -17.03 -7.02
N LEU B 49 -38.46 -18.30 -7.38
CA LEU B 49 -39.13 -18.61 -8.65
C LEU B 49 -40.56 -18.13 -8.68
N ASP B 50 -41.25 -18.18 -7.53
CA ASP B 50 -42.63 -17.69 -7.46
C ASP B 50 -42.64 -16.17 -7.73
N TRP B 51 -41.61 -15.43 -7.30
CA TRP B 51 -41.50 -14.00 -7.59
C TRP B 51 -41.25 -13.75 -9.08
N VAL B 52 -40.33 -14.53 -9.71
CA VAL B 52 -40.07 -14.44 -11.14
C VAL B 52 -41.36 -14.66 -11.96
N LYS B 53 -42.18 -15.63 -11.54
CA LYS B 53 -43.43 -15.88 -12.24
C LYS B 53 -44.37 -14.68 -12.21
N GLU B 54 -44.46 -14.00 -11.07
CA GLU B 54 -45.30 -12.81 -10.93
C GLU B 54 -44.76 -11.65 -11.76
N GLU B 55 -43.45 -11.48 -11.77
CA GLU B 55 -42.80 -10.42 -12.53
C GLU B 55 -42.91 -10.66 -14.05
N ALA B 56 -42.88 -11.92 -14.46
CA ALA B 56 -43.01 -12.35 -15.86
C ALA B 56 -42.08 -11.57 -16.81
N PRO B 57 -40.75 -11.56 -16.55
CA PRO B 57 -39.86 -10.88 -17.48
C PRO B 57 -39.71 -11.66 -18.77
N ASP B 58 -39.31 -10.98 -19.84
CA ASP B 58 -38.99 -11.65 -21.10
C ASP B 58 -37.59 -12.29 -21.00
N ILE B 59 -36.68 -11.63 -20.24
CA ILE B 59 -35.33 -12.14 -20.02
C ILE B 59 -35.03 -11.99 -18.53
N LEU B 60 -34.46 -13.03 -17.95
CA LEU B 60 -34.05 -13.05 -16.55
C LEU B 60 -32.54 -13.31 -16.49
N CYS B 61 -31.80 -12.43 -15.82
CA CYS B 61 -30.36 -12.59 -15.67
C CYS B 61 -30.13 -12.83 -14.21
N LEU B 62 -29.31 -13.84 -13.85
CA LEU B 62 -29.02 -14.18 -12.47
C LEU B 62 -27.53 -14.13 -12.22
N GLN B 63 -27.15 -13.70 -11.01
CA GLN B 63 -25.74 -13.65 -10.65
C GLN B 63 -25.52 -14.27 -9.32
N GLU B 64 -24.30 -14.72 -9.10
CA GLU B 64 -23.91 -15.43 -7.88
C GLU B 64 -24.82 -16.66 -7.68
N THR B 65 -24.99 -17.45 -8.75
CA THR B 65 -25.79 -18.68 -8.66
C THR B 65 -25.07 -19.70 -7.76
N LYS B 66 -23.73 -19.62 -7.63
CA LYS B 66 -22.93 -20.56 -6.81
C LYS B 66 -23.17 -22.05 -7.20
N CYS B 67 -23.74 -22.28 -8.36
CA CYS B 67 -24.18 -23.58 -8.82
C CYS B 67 -23.48 -23.99 -10.09
N SER B 68 -23.00 -25.24 -10.11
CA SER B 68 -22.30 -25.75 -11.28
C SER B 68 -23.31 -25.97 -12.40
N GLU B 69 -22.87 -25.74 -13.64
CA GLU B 69 -23.74 -25.96 -14.81
C GLU B 69 -24.22 -27.44 -14.90
N ASN B 70 -23.51 -28.36 -14.24
CA ASN B 70 -23.87 -29.79 -14.23
C ASN B 70 -24.66 -30.22 -12.99
N LYS B 71 -25.10 -29.26 -12.16
CA LYS B 71 -25.88 -29.52 -10.96
C LYS B 71 -27.05 -28.52 -10.87
N LEU B 72 -27.65 -28.14 -12.01
CA LEU B 72 -28.75 -27.20 -11.99
C LEU B 72 -29.99 -27.82 -11.39
N PRO B 73 -30.70 -27.06 -10.54
CA PRO B 73 -31.96 -27.58 -9.98
C PRO B 73 -32.99 -27.85 -11.08
N ALA B 74 -33.72 -28.96 -10.96
CA ALA B 74 -34.73 -29.31 -11.95
C ALA B 74 -35.89 -28.30 -12.00
N GLU B 75 -36.10 -27.50 -10.95
CA GLU B 75 -37.16 -26.50 -10.90
C GLU B 75 -37.04 -25.41 -11.98
N LEU B 76 -35.88 -25.32 -12.66
CA LEU B 76 -35.62 -24.20 -13.62
C LEU B 76 -36.11 -24.45 -15.06
N GLN B 77 -35.63 -25.50 -15.74
CA GLN B 77 -35.96 -25.75 -17.18
C GLN B 77 -37.48 -25.76 -17.39
N GLU B 78 -38.25 -26.04 -16.34
CA GLU B 78 -39.71 -26.08 -16.33
C GLU B 78 -40.35 -24.69 -16.21
N LEU B 79 -39.57 -23.59 -16.28
CA LEU B 79 -40.08 -22.23 -16.18
C LEU B 79 -40.78 -21.88 -17.46
N PRO B 80 -42.12 -21.75 -17.43
CA PRO B 80 -42.81 -21.41 -18.68
C PRO B 80 -42.45 -20.01 -19.09
N GLY B 81 -42.21 -19.89 -20.37
CA GLY B 81 -41.89 -18.60 -20.96
C GLY B 81 -40.45 -18.18 -20.80
N LEU B 82 -39.56 -19.03 -20.26
CA LEU B 82 -38.12 -18.71 -20.14
C LEU B 82 -37.37 -20.00 -20.45
N SER B 83 -37.69 -20.62 -21.60
CA SER B 83 -37.15 -21.93 -21.98
C SER B 83 -35.72 -21.94 -22.51
N HIS B 84 -35.19 -20.78 -22.96
CA HIS B 84 -33.83 -20.72 -23.47
C HIS B 84 -32.94 -20.33 -22.32
N GLN B 85 -32.22 -21.29 -21.76
CA GLN B 85 -31.41 -21.09 -20.55
C GLN B 85 -29.92 -21.33 -20.75
N TYR B 86 -29.11 -20.37 -20.27
CA TYR B 86 -27.64 -20.41 -20.44
C TYR B 86 -26.98 -20.15 -19.13
N TRP B 87 -25.93 -20.90 -18.82
CA TRP B 87 -25.25 -20.83 -17.53
C TRP B 87 -23.74 -20.84 -17.67
N SER B 88 -23.07 -20.11 -16.79
CA SER B 88 -21.62 -20.13 -16.73
C SER B 88 -21.23 -20.14 -15.25
N ALA B 89 -20.32 -21.02 -14.85
CA ALA B 89 -19.88 -21.12 -13.46
C ALA B 89 -18.38 -21.50 -13.47
N PRO B 90 -17.66 -21.27 -12.37
CA PRO B 90 -16.23 -21.64 -12.35
C PRO B 90 -16.03 -23.14 -12.58
N SER B 91 -14.88 -23.56 -13.15
CA SER B 91 -14.56 -24.98 -13.39
C SER B 91 -14.61 -25.89 -12.13
N ASP B 92 -14.28 -25.35 -10.93
CA ASP B 92 -14.37 -26.15 -9.70
C ASP B 92 -15.71 -25.95 -8.99
N GLY B 95 -19.68 -23.28 -5.69
CA GLY B 95 -19.99 -22.58 -4.44
C GLY B 95 -19.66 -21.10 -4.43
N TYR B 96 -19.20 -20.55 -5.54
CA TYR B 96 -18.94 -19.11 -5.65
C TYR B 96 -19.24 -18.63 -7.06
N SER B 97 -19.43 -17.31 -7.21
CA SER B 97 -19.67 -16.74 -8.54
C SER B 97 -20.84 -17.36 -9.32
N GLY B 98 -20.76 -17.47 -10.65
CA GLY B 98 -21.79 -18.14 -11.41
C GLY B 98 -22.84 -17.18 -11.91
N VAL B 99 -23.19 -17.28 -13.17
CA VAL B 99 -24.23 -16.44 -13.75
C VAL B 99 -25.16 -17.27 -14.63
N GLY B 100 -26.33 -16.70 -14.87
CA GLY B 100 -27.33 -17.37 -15.69
C GLY B 100 -28.09 -16.36 -16.52
N LEU B 101 -28.56 -16.77 -17.68
CA LEU B 101 -29.38 -15.89 -18.54
C LEU B 101 -30.54 -16.76 -19.11
N LEU B 102 -31.80 -16.42 -18.83
CA LEU B 102 -32.98 -17.20 -19.26
C LEU B 102 -33.85 -16.29 -20.11
N SER B 103 -34.24 -16.76 -21.30
CA SER B 103 -34.96 -15.91 -22.25
C SER B 103 -36.17 -16.58 -22.85
N ARG B 104 -37.19 -15.80 -23.15
CA ARG B 104 -38.40 -16.31 -23.81
C ARG B 104 -38.09 -16.61 -25.28
N GLN B 105 -37.37 -15.69 -25.95
CA GLN B 105 -36.98 -15.89 -27.35
C GLN B 105 -35.53 -16.33 -27.43
N CYS B 106 -35.22 -17.13 -28.44
CA CYS B 106 -33.85 -17.61 -28.61
C CYS B 106 -32.90 -16.49 -29.07
N PRO B 107 -31.77 -16.27 -28.37
CA PRO B 107 -30.80 -15.27 -28.84
C PRO B 107 -30.15 -15.73 -30.17
N LEU B 108 -29.66 -14.77 -30.97
CA LEU B 108 -28.93 -15.08 -32.21
C LEU B 108 -27.61 -15.78 -31.89
N LYS B 109 -26.97 -15.40 -30.78
CA LYS B 109 -25.72 -16.04 -30.36
C LYS B 109 -25.51 -15.84 -28.89
N VAL B 110 -24.94 -16.84 -28.24
CA VAL B 110 -24.59 -16.75 -26.83
C VAL B 110 -23.08 -16.99 -26.71
N SER B 111 -22.38 -16.15 -25.95
CA SER B 111 -20.95 -16.30 -25.70
C SER B 111 -20.71 -16.20 -24.18
N TYR B 112 -19.56 -16.71 -23.72
CA TYR B 112 -19.23 -16.70 -22.30
C TYR B 112 -17.88 -16.03 -22.12
N GLY B 113 -17.78 -15.17 -21.11
CA GLY B 113 -16.53 -14.49 -20.84
C GLY B 113 -16.32 -13.23 -21.65
N ILE B 114 -15.14 -12.62 -21.48
CA ILE B 114 -14.78 -11.36 -22.14
C ILE B 114 -13.61 -11.47 -23.12
N GLY B 115 -13.32 -12.69 -23.59
CA GLY B 115 -12.26 -12.93 -24.55
C GLY B 115 -10.85 -12.82 -24.01
N ASP B 116 -10.69 -12.89 -22.67
CA ASP B 116 -9.38 -12.79 -22.04
C ASP B 116 -9.27 -13.90 -21.00
N GLU B 117 -8.41 -14.90 -21.25
CA GLU B 117 -8.19 -16.08 -20.40
C GLU B 117 -8.06 -15.77 -18.91
N GLU B 118 -7.29 -14.71 -18.56
CA GLU B 118 -7.08 -14.30 -17.18
C GLU B 118 -8.39 -14.03 -16.45
N HIS B 119 -9.36 -13.44 -17.17
CA HIS B 119 -10.62 -13.05 -16.57
C HIS B 119 -11.80 -13.98 -16.84
N ASP B 120 -11.58 -15.09 -17.56
CA ASP B 120 -12.67 -15.98 -17.97
C ASP B 120 -12.80 -17.29 -17.22
N GLN B 121 -12.16 -17.44 -16.06
CA GLN B 121 -12.19 -18.73 -15.35
C GLN B 121 -13.17 -18.82 -14.18
N GLU B 122 -13.93 -17.76 -13.90
CA GLU B 122 -14.80 -17.77 -12.69
C GLU B 122 -16.30 -17.61 -13.02
N GLY B 123 -16.73 -17.94 -14.23
CA GLY B 123 -18.18 -17.91 -14.56
C GLY B 123 -18.84 -16.58 -14.25
N ARG B 124 -18.34 -15.47 -14.81
CA ARG B 124 -18.86 -14.12 -14.43
C ARG B 124 -19.67 -13.44 -15.55
N VAL B 125 -19.55 -13.88 -16.81
CA VAL B 125 -20.20 -13.13 -17.89
C VAL B 125 -20.89 -14.00 -18.93
N ILE B 126 -22.08 -13.57 -19.38
CA ILE B 126 -22.78 -14.21 -20.48
C ILE B 126 -23.13 -13.08 -21.43
N VAL B 127 -22.91 -13.31 -22.72
CA VAL B 127 -23.25 -12.31 -23.72
C VAL B 127 -24.33 -12.94 -24.59
N ALA B 128 -25.47 -12.28 -24.76
CA ALA B 128 -26.55 -12.81 -25.61
C ALA B 128 -26.90 -11.76 -26.65
N GLU B 129 -26.66 -12.06 -27.94
CA GLU B 129 -26.93 -11.10 -28.99
C GLU B 129 -28.35 -11.30 -29.49
N PHE B 130 -29.09 -10.22 -29.63
CA PHE B 130 -30.46 -10.21 -30.17
C PHE B 130 -30.49 -9.34 -31.42
N ASP B 131 -31.64 -9.25 -32.08
CA ASP B 131 -31.77 -8.45 -33.30
C ASP B 131 -31.32 -7.00 -33.16
N SER B 132 -31.84 -6.25 -32.17
CA SER B 132 -31.51 -4.83 -32.08
CA SER B 132 -31.60 -4.82 -31.98
C SER B 132 -30.49 -4.46 -31.01
N PHE B 133 -30.05 -5.44 -30.19
CA PHE B 133 -29.08 -5.12 -29.17
C PHE B 133 -28.34 -6.37 -28.68
N VAL B 134 -27.27 -6.15 -27.91
CA VAL B 134 -26.51 -7.22 -27.28
C VAL B 134 -26.67 -7.04 -25.77
N LEU B 135 -27.06 -8.12 -25.08
CA LEU B 135 -27.24 -8.08 -23.63
C LEU B 135 -26.04 -8.75 -22.99
N VAL B 136 -25.46 -8.13 -21.97
CA VAL B 136 -24.35 -8.73 -21.24
C VAL B 136 -24.79 -8.77 -19.81
N THR B 137 -24.64 -9.95 -19.16
CA THR B 137 -24.90 -10.00 -17.71
C THR B 137 -23.59 -10.33 -17.03
N ALA B 138 -23.33 -9.66 -15.92
CA ALA B 138 -22.04 -9.86 -15.24
C ALA B 138 -22.16 -9.89 -13.73
N TYR B 139 -21.20 -10.63 -13.13
CA TYR B 139 -20.98 -10.66 -11.68
C TYR B 139 -19.49 -10.22 -11.57
N VAL B 140 -19.30 -8.93 -11.35
CA VAL B 140 -17.96 -8.32 -11.31
C VAL B 140 -17.18 -8.79 -10.08
N PRO B 141 -15.87 -9.08 -10.22
CA PRO B 141 -15.10 -9.52 -9.05
C PRO B 141 -15.11 -8.53 -7.90
N ASN B 142 -15.36 -9.03 -6.68
CA ASN B 142 -15.34 -8.19 -5.48
C ASN B 142 -13.87 -7.81 -5.14
N ALA B 143 -13.63 -6.60 -4.60
CA ALA B 143 -12.27 -6.16 -4.23
C ALA B 143 -11.73 -6.95 -3.00
N GLY B 144 -12.61 -7.66 -2.30
CA GLY B 144 -12.25 -8.56 -1.23
C GLY B 144 -12.07 -7.95 0.14
N ARG B 145 -12.07 -8.82 1.17
CA ARG B 145 -11.81 -8.37 2.55
C ARG B 145 -10.39 -7.81 2.58
N GLY B 146 -10.18 -6.70 3.27
CA GLY B 146 -8.88 -6.06 3.33
C GLY B 146 -8.35 -5.57 1.99
N LEU B 147 -9.25 -5.48 0.96
CA LEU B 147 -8.92 -5.03 -0.39
C LEU B 147 -7.83 -5.88 -1.03
N VAL B 148 -7.70 -7.15 -0.64
CA VAL B 148 -6.58 -7.99 -1.18
C VAL B 148 -6.74 -8.23 -2.69
N ARG B 149 -7.97 -8.13 -3.21
CA ARG B 149 -8.20 -8.36 -4.63
C ARG B 149 -8.43 -7.05 -5.42
N LEU B 150 -8.09 -5.88 -4.83
CA LEU B 150 -8.29 -4.57 -5.48
C LEU B 150 -7.44 -4.38 -6.71
N GLU B 151 -6.17 -4.84 -6.68
CA GLU B 151 -5.31 -4.73 -7.87
C GLU B 151 -5.89 -5.59 -9.00
N TYR B 152 -6.36 -6.81 -8.69
CA TYR B 152 -6.96 -7.68 -9.70
C TYR B 152 -8.23 -7.01 -10.25
N ARG B 153 -9.04 -6.41 -9.35
CA ARG B 153 -10.29 -5.76 -9.78
C ARG B 153 -9.99 -4.63 -10.76
N GLN B 154 -8.91 -3.86 -10.53
CA GLN B 154 -8.57 -2.78 -11.48
C GLN B 154 -8.19 -3.38 -12.85
N ARG B 155 -7.48 -4.52 -12.87
CA ARG B 155 -7.17 -5.20 -14.15
C ARG B 155 -8.44 -5.66 -14.83
N TRP B 156 -9.37 -6.25 -14.07
CA TRP B 156 -10.65 -6.72 -14.62
C TRP B 156 -11.40 -5.53 -15.22
N ASP B 157 -11.50 -4.40 -14.47
CA ASP B 157 -12.25 -3.24 -14.96
C ASP B 157 -11.75 -2.77 -16.30
N GLU B 158 -10.41 -2.69 -16.46
CA GLU B 158 -9.85 -2.24 -17.72
C GLU B 158 -10.17 -3.22 -18.85
N ALA B 159 -10.00 -4.54 -18.60
CA ALA B 159 -10.26 -5.54 -19.64
C ALA B 159 -11.74 -5.59 -20.02
N PHE B 160 -12.61 -5.43 -19.01
CA PHE B 160 -14.06 -5.45 -19.23
C PHE B 160 -14.49 -4.22 -20.03
N ARG B 161 -13.93 -3.05 -19.71
CA ARG B 161 -14.25 -1.79 -20.38
C ARG B 161 -13.84 -1.90 -21.87
N LYS B 162 -12.64 -2.39 -22.13
CA LYS B 162 -12.14 -2.61 -23.49
C LYS B 162 -13.06 -3.58 -24.26
N PHE B 163 -13.45 -4.68 -23.62
CA PHE B 163 -14.33 -5.68 -24.23
C PHE B 163 -15.71 -5.07 -24.58
N LEU B 164 -16.31 -4.32 -23.65
CA LEU B 164 -17.62 -3.72 -23.87
C LEU B 164 -17.59 -2.64 -24.93
N LYS B 165 -16.52 -1.85 -25.00
CA LYS B 165 -16.37 -0.82 -26.03
C LYS B 165 -16.36 -1.49 -27.43
N GLY B 166 -15.72 -2.65 -27.53
CA GLY B 166 -15.67 -3.41 -28.77
C GLY B 166 -17.04 -3.91 -29.21
N LEU B 167 -17.81 -4.42 -28.25
CA LEU B 167 -19.16 -4.91 -28.50
C LEU B 167 -20.05 -3.74 -28.95
N ALA B 168 -19.96 -2.59 -28.25
CA ALA B 168 -20.80 -1.42 -28.53
C ALA B 168 -20.51 -0.79 -29.89
N SER B 169 -19.32 -0.99 -30.43
CA SER B 169 -18.96 -0.44 -31.75
C SER B 169 -19.72 -1.14 -32.90
N ARG B 170 -20.36 -2.29 -32.64
CA ARG B 170 -21.09 -3.03 -33.66
C ARG B 170 -22.59 -2.99 -33.42
N LYS B 171 -23.03 -3.09 -32.14
CA LYS B 171 -24.45 -3.10 -31.82
C LYS B 171 -24.73 -2.42 -30.49
N PRO B 172 -25.92 -1.81 -30.31
CA PRO B 172 -26.24 -1.17 -29.02
C PRO B 172 -26.20 -2.20 -27.89
N LEU B 173 -25.75 -1.78 -26.71
CA LEU B 173 -25.52 -2.69 -25.61
C LEU B 173 -26.38 -2.42 -24.38
N VAL B 174 -26.75 -3.50 -23.68
CA VAL B 174 -27.38 -3.37 -22.35
C VAL B 174 -26.48 -4.21 -21.45
N LEU B 175 -25.93 -3.64 -20.40
CA LEU B 175 -25.12 -4.39 -19.44
C LEU B 175 -25.91 -4.45 -18.15
N CYS B 176 -26.14 -5.65 -17.62
CA CYS B 176 -26.80 -5.71 -16.31
C CYS B 176 -26.12 -6.63 -15.34
N GLY B 177 -26.41 -6.44 -14.08
CA GLY B 177 -25.92 -7.35 -13.06
C GLY B 177 -25.34 -6.65 -11.86
N ASP B 178 -24.52 -7.41 -11.13
CA ASP B 178 -23.91 -6.93 -9.91
C ASP B 178 -22.54 -6.44 -10.28
N LEU B 179 -22.42 -5.13 -10.38
CA LEU B 179 -21.16 -4.53 -10.79
C LEU B 179 -20.22 -4.23 -9.61
N ASN B 180 -20.63 -4.58 -8.39
CA ASN B 180 -19.79 -4.49 -7.22
C ASN B 180 -19.12 -3.15 -6.99
N VAL B 181 -19.90 -2.10 -7.13
CA VAL B 181 -19.50 -0.76 -6.84
C VAL B 181 -20.72 0.11 -6.68
N ALA B 182 -20.69 0.98 -5.67
CA ALA B 182 -21.71 2.01 -5.48
C ALA B 182 -21.01 3.22 -6.09
N HIS B 183 -21.48 3.69 -7.25
CA HIS B 183 -20.76 4.75 -7.99
C HIS B 183 -20.51 6.04 -7.19
N GLU B 184 -21.57 6.62 -6.62
CA GLU B 184 -21.48 7.87 -5.91
C GLU B 184 -21.97 7.77 -4.48
N GLU B 185 -21.78 8.83 -3.66
CA GLU B 185 -22.28 8.80 -2.28
C GLU B 185 -23.75 8.49 -2.18
N ILE B 186 -24.56 9.01 -3.13
CA ILE B 186 -26.01 8.74 -3.10
C ILE B 186 -26.32 7.23 -3.29
N ASP B 187 -25.35 6.45 -3.81
CA ASP B 187 -25.52 5.03 -4.05
C ASP B 187 -25.28 4.11 -2.85
N LEU B 188 -25.05 4.65 -1.64
CA LEU B 188 -24.94 3.83 -0.45
C LEU B 188 -25.29 4.62 0.79
N ARG B 189 -25.75 3.94 1.84
CA ARG B 189 -26.22 4.62 3.03
C ARG B 189 -25.11 5.28 3.83
N ASN B 190 -23.97 4.60 3.90
CA ASN B 190 -22.84 5.07 4.68
C ASN B 190 -21.58 5.31 3.86
N PRO B 191 -21.52 6.40 3.06
CA PRO B 191 -20.30 6.64 2.29
C PRO B 191 -19.05 6.89 3.13
N LYS B 192 -19.17 7.64 4.22
CA LYS B 192 -18.03 7.97 5.08
CA LYS B 192 -18.04 7.97 5.09
C LYS B 192 -17.33 6.77 5.68
N GLY B 193 -18.09 5.79 6.16
CA GLY B 193 -17.52 4.62 6.79
C GLY B 193 -17.05 3.54 5.85
N ASN B 194 -17.36 3.68 4.54
CA ASN B 194 -17.03 2.65 3.56
C ASN B 194 -16.02 3.06 2.49
N LYS B 195 -15.34 4.21 2.63
CA LYS B 195 -14.39 4.69 1.61
C LYS B 195 -13.15 3.83 1.43
N LYS B 196 -12.85 2.96 2.41
CA LYS B 196 -11.76 2.01 2.33
C LYS B 196 -12.26 0.55 2.31
N ASN B 197 -13.55 0.34 1.97
CA ASN B 197 -14.09 -1.01 1.90
C ASN B 197 -14.44 -1.34 0.48
N ALA B 198 -14.42 -2.64 0.16
CA ALA B 198 -14.76 -3.10 -1.17
C ALA B 198 -16.16 -2.59 -1.57
N GLY B 199 -16.25 -2.05 -2.77
CA GLY B 199 -17.53 -1.54 -3.27
C GLY B 199 -17.60 -0.02 -3.25
N PHE B 200 -16.73 0.64 -2.45
CA PHE B 200 -16.77 2.10 -2.41
C PHE B 200 -15.34 2.72 -2.34
N THR B 201 -14.33 2.01 -2.90
CA THR B 201 -12.98 2.59 -2.96
C THR B 201 -12.95 3.62 -4.08
N PRO B 202 -12.08 4.64 -3.99
CA PRO B 202 -11.96 5.58 -5.12
C PRO B 202 -11.57 4.85 -6.41
N GLN B 203 -10.76 3.79 -6.34
CA GLN B 203 -10.35 3.01 -7.51
C GLN B 203 -11.57 2.39 -8.19
N GLU B 204 -12.45 1.78 -7.38
CA GLU B 204 -13.65 1.17 -7.95
C GLU B 204 -14.58 2.21 -8.52
N ARG B 205 -14.81 3.32 -7.79
CA ARG B 205 -15.71 4.38 -8.30
C ARG B 205 -15.18 5.01 -9.55
N GLN B 206 -13.86 5.24 -9.59
CA GLN B 206 -13.25 5.83 -10.77
C GLN B 206 -13.37 4.87 -11.97
N GLY B 207 -13.25 3.56 -11.72
CA GLY B 207 -13.43 2.57 -12.77
C GLY B 207 -14.84 2.60 -13.34
N PHE B 208 -15.85 2.76 -12.47
CA PHE B 208 -17.26 2.84 -12.92
C PHE B 208 -17.46 4.08 -13.79
N GLY B 209 -16.89 5.22 -13.37
CA GLY B 209 -16.98 6.45 -14.15
C GLY B 209 -16.32 6.30 -15.51
N GLU B 210 -15.20 5.57 -15.55
CA GLU B 210 -14.48 5.31 -16.80
C GLU B 210 -15.29 4.45 -17.73
N LEU B 211 -16.01 3.46 -17.18
CA LEU B 211 -16.85 2.56 -17.96
C LEU B 211 -17.99 3.35 -18.62
N LEU B 212 -18.62 4.28 -17.87
CA LEU B 212 -19.70 5.09 -18.45
C LEU B 212 -19.16 6.01 -19.54
N GLN B 213 -17.97 6.57 -19.37
CA GLN B 213 -17.42 7.52 -20.35
C GLN B 213 -16.86 6.85 -21.61
N ALA B 214 -16.12 5.76 -21.45
CA ALA B 214 -15.41 5.12 -22.56
C ALA B 214 -16.23 4.29 -23.53
N VAL B 215 -17.27 3.58 -23.07
CA VAL B 215 -18.02 2.69 -23.95
C VAL B 215 -18.78 3.47 -25.06
N PRO B 216 -19.62 4.50 -24.81
CA PRO B 216 -20.11 4.99 -23.53
C PRO B 216 -21.39 4.29 -23.10
N LEU B 217 -21.71 4.39 -21.82
CA LEU B 217 -22.94 3.81 -21.27
C LEU B 217 -23.59 4.81 -20.33
N ALA B 218 -24.90 4.71 -20.15
CA ALA B 218 -25.65 5.54 -19.19
C ALA B 218 -26.23 4.62 -18.11
N ASP B 219 -26.22 5.08 -16.86
CA ASP B 219 -26.79 4.37 -15.72
C ASP B 219 -28.30 4.64 -15.81
N SER B 220 -29.06 3.66 -16.29
CA SER B 220 -30.51 3.86 -16.50
CA SER B 220 -30.52 3.83 -16.50
C SER B 220 -31.27 4.40 -15.29
N PHE B 221 -31.09 3.79 -14.12
CA PHE B 221 -31.78 4.26 -12.92
C PHE B 221 -31.41 5.69 -12.58
N ARG B 222 -30.11 6.01 -12.48
CA ARG B 222 -29.70 7.36 -12.10
C ARG B 222 -30.06 8.39 -13.16
N HIS B 223 -30.05 8.00 -14.43
CA HIS B 223 -30.45 8.88 -15.52
C HIS B 223 -31.90 9.33 -15.35
N LEU B 224 -32.78 8.41 -14.93
CA LEU B 224 -34.19 8.74 -14.74
C LEU B 224 -34.49 9.39 -13.41
N TYR B 225 -33.70 9.06 -12.36
CA TYR B 225 -33.95 9.54 -11.01
C TYR B 225 -32.64 10.12 -10.46
N PRO B 226 -32.16 11.22 -11.04
CA PRO B 226 -30.85 11.75 -10.67
C PRO B 226 -30.65 12.21 -9.24
N ASN B 227 -31.72 12.59 -8.56
CA ASN B 227 -31.57 13.10 -7.18
C ASN B 227 -32.21 12.22 -6.12
N THR B 228 -32.60 11.00 -6.45
CA THR B 228 -33.31 10.13 -5.53
C THR B 228 -32.38 9.35 -4.60
N PRO B 229 -32.46 9.63 -3.29
CA PRO B 229 -31.60 8.91 -2.36
C PRO B 229 -32.26 7.66 -1.78
N TYR B 230 -31.47 6.85 -1.07
CA TYR B 230 -31.90 5.68 -0.33
C TYR B 230 -32.43 4.56 -1.22
N ALA B 231 -32.02 4.57 -2.49
CA ALA B 231 -32.42 3.54 -3.46
C ALA B 231 -31.28 2.53 -3.59
N TYR B 232 -31.44 1.39 -2.90
CA TYR B 232 -30.36 0.40 -2.87
C TYR B 232 -30.84 -0.96 -3.40
N THR B 233 -29.87 -1.83 -3.71
CA THR B 233 -30.18 -3.17 -4.19
C THR B 233 -29.50 -4.27 -3.38
N PHE B 234 -28.70 -3.92 -2.38
CA PHE B 234 -28.01 -4.91 -1.56
C PHE B 234 -28.02 -4.40 -0.12
N TRP B 235 -28.20 -5.32 0.82
CA TRP B 235 -28.11 -5.01 2.25
C TRP B 235 -27.50 -6.21 2.91
N THR B 236 -26.44 -6.01 3.71
CA THR B 236 -25.83 -7.16 4.41
C THR B 236 -26.87 -7.89 5.26
N TYR B 237 -26.77 -9.22 5.31
CA TYR B 237 -27.67 -10.01 6.12
C TYR B 237 -27.50 -9.68 7.62
N MET B 238 -26.36 -9.09 8.03
CA MET B 238 -26.08 -8.76 9.43
C MET B 238 -26.69 -7.44 9.90
N MET B 239 -26.84 -7.29 11.22
CA MET B 239 -27.30 -6.09 11.95
C MET B 239 -28.63 -5.49 11.48
N ASN B 240 -29.57 -6.32 11.01
CA ASN B 240 -30.88 -5.86 10.52
C ASN B 240 -30.75 -4.75 9.48
N ALA B 241 -29.70 -4.81 8.65
CA ALA B 241 -29.42 -3.75 7.69
C ALA B 241 -30.58 -3.52 6.73
N ARG B 242 -31.22 -4.59 6.25
CA ARG B 242 -32.34 -4.42 5.31
C ARG B 242 -33.54 -3.67 5.93
N SER B 243 -33.90 -4.00 7.18
CA SER B 243 -35.02 -3.32 7.85
C SER B 243 -34.74 -1.83 8.11
N LYS B 244 -33.46 -1.44 8.21
CA LYS B 244 -33.12 -0.03 8.39
CA LYS B 244 -33.09 -0.02 8.39
C LYS B 244 -32.73 0.65 7.06
N ASN B 245 -32.73 -0.10 5.95
CA ASN B 245 -32.35 0.42 4.66
C ASN B 245 -30.91 0.94 4.67
N VAL B 246 -30.01 0.17 5.33
CA VAL B 246 -28.60 0.49 5.31
C VAL B 246 -28.06 -0.38 4.19
N GLY B 247 -28.13 0.14 2.98
CA GLY B 247 -27.75 -0.65 1.81
C GLY B 247 -26.83 0.04 0.82
N TRP B 248 -26.62 -0.65 -0.31
CA TRP B 248 -25.75 -0.18 -1.38
C TRP B 248 -26.46 -0.46 -2.71
N ARG B 249 -26.32 0.42 -3.71
CA ARG B 249 -26.84 0.13 -5.02
C ARG B 249 -25.67 -0.43 -5.81
N LEU B 250 -25.63 -1.76 -5.90
CA LEU B 250 -24.57 -2.50 -6.60
C LEU B 250 -25.04 -3.07 -7.91
N ASP B 251 -26.38 -3.09 -8.18
CA ASP B 251 -26.93 -3.77 -9.33
C ASP B 251 -27.49 -2.75 -10.28
N TYR B 252 -27.09 -2.87 -11.58
CA TYR B 252 -27.43 -1.81 -12.53
C TYR B 252 -27.92 -2.33 -13.85
N PHE B 253 -28.57 -1.44 -14.64
CA PHE B 253 -28.76 -1.65 -16.07
C PHE B 253 -28.07 -0.44 -16.71
N LEU B 254 -26.97 -0.68 -17.43
CA LEU B 254 -26.24 0.38 -18.14
C LEU B 254 -26.55 0.22 -19.62
N LEU B 255 -26.88 1.32 -20.30
CA LEU B 255 -27.29 1.19 -21.71
C LEU B 255 -26.46 2.08 -22.61
N SER B 256 -26.30 1.67 -23.88
CA SER B 256 -25.68 2.55 -24.87
C SER B 256 -26.55 3.83 -25.01
N HIS B 257 -25.92 4.96 -25.32
CA HIS B 257 -26.66 6.21 -25.49
C HIS B 257 -27.72 6.11 -26.59
N SER B 258 -27.47 5.26 -27.62
CA SER B 258 -28.43 5.03 -28.70
C SER B 258 -29.73 4.35 -28.25
N LEU B 259 -29.71 3.68 -27.08
CA LEU B 259 -30.89 3.03 -26.51
C LEU B 259 -31.66 3.93 -25.53
N LEU B 260 -31.13 5.13 -25.20
CA LEU B 260 -31.85 6.05 -24.31
C LEU B 260 -33.25 6.41 -24.85
N PRO B 261 -33.48 6.63 -26.17
CA PRO B 261 -34.87 6.88 -26.63
C PRO B 261 -35.82 5.69 -26.38
N ALA B 262 -35.27 4.47 -26.22
CA ALA B 262 -36.07 3.27 -25.95
C ALA B 262 -36.32 3.05 -24.44
N LEU B 263 -35.64 3.77 -23.56
CA LEU B 263 -35.78 3.56 -22.12
C LEU B 263 -37.15 4.03 -21.58
N CYS B 264 -37.91 3.07 -20.96
CA CYS B 264 -39.20 3.40 -20.37
C CYS B 264 -39.01 3.59 -18.88
N ASP B 265 -38.38 2.60 -18.22
CA ASP B 265 -38.14 2.73 -16.78
C ASP B 265 -37.07 1.77 -16.33
N SER B 266 -36.53 2.02 -15.16
CA SER B 266 -35.51 1.15 -14.54
C SER B 266 -35.96 1.05 -13.09
N LYS B 267 -36.38 -0.16 -12.66
CA LYS B 267 -36.99 -0.40 -11.36
C LYS B 267 -36.09 -1.06 -10.36
N ILE B 268 -36.37 -0.83 -9.09
CA ILE B 268 -35.67 -1.52 -7.99
C ILE B 268 -36.78 -2.19 -7.18
N ARG B 269 -36.86 -3.52 -7.21
CA ARG B 269 -37.92 -4.27 -6.56
C ARG B 269 -37.58 -4.49 -5.10
N SER B 270 -37.66 -3.40 -4.32
CA SER B 270 -37.19 -3.37 -2.92
C SER B 270 -37.74 -4.43 -2.00
N LYS B 271 -39.01 -4.79 -2.17
CA LYS B 271 -39.66 -5.73 -1.23
C LYS B 271 -39.52 -7.21 -1.59
N ALA B 272 -38.89 -7.52 -2.72
CA ALA B 272 -38.77 -8.89 -3.16
C ALA B 272 -37.68 -9.60 -2.36
N LEU B 273 -38.08 -10.59 -1.58
CA LEU B 273 -37.16 -11.33 -0.72
C LEU B 273 -36.55 -12.55 -1.44
N GLY B 274 -35.59 -13.22 -0.79
CA GLY B 274 -34.97 -14.40 -1.38
C GLY B 274 -33.45 -14.36 -1.45
N SER B 275 -32.89 -13.14 -1.26
CA SER B 275 -31.46 -12.94 -1.34
C SER B 275 -31.03 -11.72 -0.50
N ASP B 276 -29.72 -11.45 -0.42
CA ASP B 276 -29.27 -10.20 0.19
C ASP B 276 -29.33 -9.03 -0.81
N HIS B 277 -29.59 -9.34 -2.09
CA HIS B 277 -29.85 -8.36 -3.12
C HIS B 277 -31.31 -8.47 -3.48
N CYS B 278 -31.86 -7.38 -3.99
CA CYS B 278 -33.23 -7.37 -4.52
C CYS B 278 -33.15 -7.36 -6.05
N PRO B 279 -34.24 -7.71 -6.75
CA PRO B 279 -34.20 -7.70 -8.22
C PRO B 279 -34.26 -6.25 -8.71
N ILE B 280 -33.78 -6.05 -9.94
CA ILE B 280 -33.96 -4.81 -10.68
C ILE B 280 -34.60 -5.17 -12.02
N THR B 281 -35.43 -4.25 -12.56
CA THR B 281 -36.10 -4.53 -13.83
C THR B 281 -36.01 -3.35 -14.85
N LEU B 282 -35.79 -3.66 -16.10
CA LEU B 282 -35.66 -2.65 -17.13
C LEU B 282 -36.80 -2.83 -18.11
N TYR B 283 -37.45 -1.72 -18.55
CA TYR B 283 -38.49 -1.75 -19.57
C TYR B 283 -37.94 -0.96 -20.76
N LEU B 284 -37.85 -1.60 -21.93
CA LEU B 284 -37.37 -0.96 -23.15
C LEU B 284 -38.44 -1.03 -24.23
N ALA B 285 -38.55 0.01 -25.03
CA ALA B 285 -39.47 0.05 -26.15
C ALA B 285 -38.65 -0.16 -27.41
N LEU B 286 -38.38 -1.43 -27.76
CA LEU B 286 -37.58 -1.73 -28.96
C LEU B 286 -38.51 -2.10 -30.07
N SER C 6 41.16 -14.04 -4.41
CA SER C 6 40.04 -13.11 -4.20
C SER C 6 38.95 -13.35 -5.28
N GLY C 7 37.70 -13.22 -4.86
CA GLY C 7 36.59 -13.41 -5.76
C GLY C 7 35.97 -12.10 -6.23
N GLU C 8 36.27 -10.96 -5.54
CA GLU C 8 35.67 -9.71 -5.93
C GLU C 8 36.55 -8.80 -6.75
N GLY C 9 35.92 -8.14 -7.67
CA GLY C 9 36.54 -7.09 -8.45
C GLY C 9 35.75 -5.83 -8.19
N PRO C 10 36.02 -4.74 -8.92
CA PRO C 10 35.29 -3.50 -8.61
C PRO C 10 33.79 -3.58 -8.89
N ALA C 11 32.99 -2.94 -8.01
CA ALA C 11 31.57 -2.86 -8.22
C ALA C 11 31.23 -1.39 -8.14
N LEU C 12 30.57 -0.86 -9.18
CA LEU C 12 30.23 0.54 -9.21
C LEU C 12 29.17 0.95 -8.22
N TYR C 13 29.38 2.11 -7.60
CA TYR C 13 28.37 2.75 -6.78
C TYR C 13 28.48 4.26 -6.97
N GLU C 14 27.40 4.89 -7.45
CA GLU C 14 27.37 6.34 -7.64
C GLU C 14 26.21 6.87 -6.78
N ASP C 15 26.51 7.56 -5.69
CA ASP C 15 25.48 8.10 -4.81
C ASP C 15 24.67 9.13 -5.57
N PRO C 16 23.34 8.99 -5.57
CA PRO C 16 22.52 9.92 -6.36
C PRO C 16 22.59 11.37 -5.92
N PRO C 17 22.13 12.33 -6.76
CA PRO C 17 22.19 13.74 -6.37
C PRO C 17 21.47 14.03 -5.06
N ASP C 18 21.88 15.09 -4.35
CA ASP C 18 21.26 15.44 -3.08
C ASP C 18 19.85 15.91 -3.29
N GLN C 19 18.89 15.23 -2.68
CA GLN C 19 17.51 15.65 -2.69
CA GLN C 19 17.51 15.65 -2.71
C GLN C 19 17.32 16.55 -1.46
N LYS C 20 17.26 17.87 -1.68
CA LYS C 20 17.17 18.81 -0.56
C LYS C 20 15.77 19.31 -0.25
N THR C 21 14.74 18.64 -0.76
CA THR C 21 13.36 18.97 -0.42
C THR C 21 12.64 17.70 0.03
N SER C 22 11.79 17.85 1.04
CA SER C 22 11.03 16.73 1.58
C SER C 22 9.94 16.27 0.54
N PRO C 23 9.29 15.12 0.75
CA PRO C 23 8.23 14.70 -0.19
C PRO C 23 7.11 15.73 -0.32
N SER C 24 6.86 16.54 0.72
CA SER C 24 5.84 17.59 0.70
C SER C 24 6.31 18.91 0.02
N GLY C 25 7.60 18.97 -0.32
CA GLY C 25 8.18 20.16 -0.98
C GLY C 25 8.96 21.04 -0.01
N LYS C 26 8.97 20.69 1.27
CA LYS C 26 9.61 21.57 2.29
C LYS C 26 11.14 21.48 2.18
N PRO C 27 11.86 22.61 2.07
CA PRO C 27 13.31 22.58 1.90
C PRO C 27 14.03 22.12 3.17
N ALA C 28 15.16 21.43 2.99
CA ALA C 28 15.93 20.99 4.16
C ALA C 28 16.38 22.22 4.95
N THR C 29 16.21 22.16 6.25
CA THR C 29 16.67 23.22 7.18
C THR C 29 17.81 22.71 8.11
N LEU C 30 18.15 21.43 8.01
CA LEU C 30 19.21 20.87 8.87
C LEU C 30 19.99 19.84 8.07
N LYS C 31 21.32 19.97 8.09
CA LYS C 31 22.21 19.04 7.39
C LYS C 31 23.15 18.46 8.44
N ILE C 32 23.08 17.15 8.71
CA ILE C 32 23.96 16.54 9.71
C ILE C 32 24.94 15.63 8.97
N CYS C 33 26.23 15.67 9.35
CA CYS C 33 27.25 14.79 8.73
C CYS C 33 27.80 13.95 9.86
N SER C 34 27.96 12.67 9.64
CA SER C 34 28.53 11.76 10.63
C SER C 34 29.73 11.12 9.95
N TRP C 35 30.85 10.93 10.68
CA TRP C 35 32.03 10.33 10.06
C TRP C 35 32.84 9.60 11.10
N ASN C 36 33.15 8.33 10.88
CA ASN C 36 34.10 7.63 11.73
C ASN C 36 35.45 8.03 11.15
N VAL C 37 36.20 8.85 11.87
CA VAL C 37 37.46 9.41 11.36
C VAL C 37 38.68 8.56 11.62
N ASP C 38 38.55 7.45 12.38
CA ASP C 38 39.64 6.52 12.69
C ASP C 38 40.91 7.23 13.11
N GLY C 39 40.79 8.08 14.11
CA GLY C 39 41.90 8.82 14.63
C GLY C 39 41.79 10.25 14.19
N LEU C 40 41.34 11.11 15.09
CA LEU C 40 41.14 12.53 14.87
C LEU C 40 42.39 13.24 14.33
N ARG C 41 43.58 12.98 14.94
CA ARG C 41 44.81 13.61 14.45
C ARG C 41 45.20 13.13 13.07
N ALA C 42 45.09 11.81 12.83
CA ALA C 42 45.44 11.22 11.52
C ALA C 42 44.53 11.80 10.43
N TRP C 43 43.23 11.88 10.75
CA TRP C 43 42.19 12.41 9.86
C TRP C 43 42.47 13.87 9.52
N ILE C 44 42.86 14.69 10.53
CA ILE C 44 43.19 16.09 10.25
C ILE C 44 44.38 16.19 9.28
N LYS C 45 45.42 15.37 9.51
CA LYS C 45 46.59 15.32 8.63
C LYS C 45 46.22 14.87 7.21
N LYS C 46 45.19 14.03 7.07
CA LYS C 46 44.69 13.58 5.77
C LYS C 46 43.64 14.51 5.15
N LYS C 47 43.61 15.79 5.60
CA LYS C 47 42.76 16.88 5.11
C LYS C 47 41.27 16.70 5.38
N GLY C 48 40.91 15.99 6.44
CA GLY C 48 39.52 15.77 6.80
C GLY C 48 38.74 17.05 7.07
N LEU C 49 39.40 18.08 7.69
CA LEU C 49 38.73 19.35 8.00
C LEU C 49 38.40 20.14 6.75
N ASP C 50 39.27 20.05 5.72
CA ASP C 50 39.01 20.73 4.46
C ASP C 50 37.75 20.15 3.80
N TRP C 51 37.50 18.83 3.97
CA TRP C 51 36.29 18.21 3.44
C TRP C 51 35.04 18.70 4.21
N VAL C 52 35.11 18.75 5.54
CA VAL C 52 34.03 19.27 6.39
C VAL C 52 33.65 20.71 5.99
N LYS C 53 34.67 21.54 5.71
CA LYS C 53 34.41 22.92 5.30
C LYS C 53 33.59 22.98 4.02
N GLU C 54 33.93 22.14 3.03
CA GLU C 54 33.22 22.09 1.75
C GLU C 54 31.78 21.57 1.93
N GLU C 55 31.62 20.55 2.78
CA GLU C 55 30.29 19.99 3.05
C GLU C 55 29.38 20.95 3.83
N ALA C 56 29.98 21.75 4.70
CA ALA C 56 29.30 22.77 5.49
C ALA C 56 28.05 22.25 6.22
N PRO C 57 28.20 21.17 7.02
CA PRO C 57 27.03 20.68 7.76
C PRO C 57 26.68 21.63 8.91
N ASP C 58 25.44 21.57 9.36
CA ASP C 58 25.03 22.35 10.55
C ASP C 58 25.51 21.59 11.82
N ILE C 59 25.55 20.24 11.76
CA ILE C 59 26.03 19.43 12.88
C ILE C 59 26.96 18.36 12.30
N LEU C 60 28.11 18.16 12.94
CA LEU C 60 29.08 17.17 12.55
C LEU C 60 29.27 16.20 13.73
N CYS C 61 29.04 14.89 13.51
CA CYS C 61 29.23 13.85 14.52
C CYS C 61 30.43 13.03 14.12
N LEU C 62 31.39 12.79 15.06
CA LEU C 62 32.58 12.05 14.74
C LEU C 62 32.73 10.86 15.64
N GLN C 63 33.21 9.76 15.07
CA GLN C 63 33.43 8.58 15.87
C GLN C 63 34.85 8.04 15.73
N GLU C 64 35.28 7.30 16.75
CA GLU C 64 36.60 6.71 16.84
C GLU C 64 37.65 7.82 16.75
N THR C 65 37.45 8.88 17.56
CA THR C 65 38.39 10.03 17.57
C THR C 65 39.75 9.58 18.12
N LYS C 66 39.74 8.60 19.02
CA LYS C 66 40.99 8.12 19.64
C LYS C 66 41.72 9.33 20.23
N CYS C 67 40.96 10.24 20.84
CA CYS C 67 41.57 11.49 21.35
C CYS C 67 40.90 11.89 22.66
N SER C 68 41.70 12.13 23.70
CA SER C 68 41.14 12.55 25.00
C SER C 68 40.60 13.97 24.88
N GLU C 69 39.55 14.28 25.65
CA GLU C 69 38.93 15.62 25.59
C GLU C 69 39.91 16.70 26.09
N ASN C 70 40.98 16.30 26.80
CA ASN C 70 41.98 17.26 27.26
C ASN C 70 43.25 17.31 26.40
N LYS C 71 43.23 16.67 25.22
CA LYS C 71 44.35 16.66 24.28
C LYS C 71 43.86 16.90 22.85
N LEU C 72 42.83 17.75 22.69
CA LEU C 72 42.27 18.01 21.37
C LEU C 72 43.25 18.80 20.52
N PRO C 73 43.37 18.44 19.23
CA PRO C 73 44.28 19.17 18.35
C PRO C 73 43.87 20.63 18.21
N ALA C 74 44.85 21.54 18.21
CA ALA C 74 44.57 22.97 18.07
C ALA C 74 43.94 23.30 16.70
N GLU C 75 44.18 22.46 15.66
CA GLU C 75 43.62 22.65 14.31
C GLU C 75 42.10 22.66 14.29
N LEU C 76 41.43 22.10 15.33
CA LEU C 76 39.97 22.13 15.41
C LEU C 76 39.44 23.57 15.43
N GLN C 77 40.28 24.55 15.87
CA GLN C 77 39.91 25.97 15.87
C GLN C 77 39.69 26.54 14.47
N GLU C 78 40.18 25.85 13.41
CA GLU C 78 39.97 26.28 12.04
C GLU C 78 38.60 25.85 11.48
N LEU C 79 37.65 25.50 12.36
CA LEU C 79 36.32 25.12 11.92
C LEU C 79 35.30 26.16 12.32
N PRO C 80 35.10 27.22 11.52
CA PRO C 80 34.07 28.21 11.84
C PRO C 80 32.68 27.64 11.51
N GLY C 81 31.68 28.13 12.22
CA GLY C 81 30.31 27.67 12.03
C GLY C 81 29.97 26.38 12.73
N LEU C 82 30.88 25.82 13.55
CA LEU C 82 30.62 24.61 14.33
C LEU C 82 31.31 24.81 15.69
N SER C 83 31.03 25.96 16.33
CA SER C 83 31.66 26.42 17.55
C SER C 83 31.27 25.70 18.85
N HIS C 84 30.13 25.01 18.87
CA HIS C 84 29.70 24.31 20.07
C HIS C 84 30.20 22.87 19.96
N GLN C 85 31.30 22.53 20.67
CA GLN C 85 31.97 21.24 20.47
C GLN C 85 31.99 20.41 21.74
N TYR C 86 31.55 19.16 21.64
CA TYR C 86 31.42 18.28 22.79
C TYR C 86 32.14 17.01 22.47
N TRP C 87 32.84 16.44 23.47
CA TRP C 87 33.66 15.28 23.23
C TRP C 87 33.53 14.28 24.37
N SER C 88 33.63 12.97 24.08
CA SER C 88 33.64 11.96 25.12
C SER C 88 34.68 10.92 24.74
N ALA C 89 35.55 10.55 25.67
CA ALA C 89 36.58 9.57 25.39
C ALA C 89 36.81 8.71 26.62
N PRO C 90 37.38 7.50 26.47
CA PRO C 90 37.61 6.64 27.64
C PRO C 90 38.41 7.30 28.75
N GLU C 94 44.22 7.13 25.74
CA GLU C 94 44.00 7.71 24.39
C GLU C 94 44.36 6.64 23.36
N GLY C 95 43.82 6.74 22.14
CA GLY C 95 44.08 5.74 21.09
C GLY C 95 42.93 4.76 20.98
N TYR C 96 41.83 5.03 21.68
CA TYR C 96 40.72 4.08 21.68
C TYR C 96 39.34 4.76 21.72
N SER C 97 38.39 4.28 20.89
CA SER C 97 37.00 4.77 20.91
C SER C 97 36.96 6.32 20.80
N GLY C 98 36.02 6.99 21.47
CA GLY C 98 35.96 8.43 21.45
C GLY C 98 34.99 8.95 20.42
N VAL C 99 34.12 9.85 20.85
CA VAL C 99 33.17 10.47 19.95
C VAL C 99 33.16 11.98 20.13
N GLY C 100 32.64 12.68 19.13
CA GLY C 100 32.54 14.13 19.22
C GLY C 100 31.29 14.63 18.53
N LEU C 101 30.74 15.78 19.00
CA LEU C 101 29.58 16.35 18.32
C LEU C 101 29.84 17.84 18.25
N LEU C 102 29.86 18.41 17.03
CA LEU C 102 30.14 19.82 16.76
C LEU C 102 28.89 20.42 16.12
N SER C 103 28.39 21.56 16.65
CA SER C 103 27.15 22.13 16.13
CA SER C 103 27.18 22.14 16.07
C SER C 103 27.21 23.65 15.96
N ARG C 104 26.50 24.17 14.96
CA ARG C 104 26.43 25.64 14.73
C ARG C 104 25.58 26.27 15.82
N GLN C 105 24.45 25.65 16.14
CA GLN C 105 23.55 26.18 17.21
C GLN C 105 23.80 25.44 18.52
N CYS C 106 23.66 26.14 19.65
CA CYS C 106 23.85 25.52 20.95
C CYS C 106 22.72 24.52 21.27
N PRO C 107 23.04 23.26 21.64
CA PRO C 107 21.97 22.34 22.05
C PRO C 107 21.35 22.76 23.38
N LEU C 108 20.09 22.38 23.63
CA LEU C 108 19.43 22.65 24.90
C LEU C 108 20.12 21.89 26.04
N LYS C 109 20.60 20.67 25.76
CA LYS C 109 21.29 19.88 26.76
C LYS C 109 22.21 18.89 26.07
N VAL C 110 23.35 18.61 26.70
CA VAL C 110 24.28 17.59 26.18
C VAL C 110 24.48 16.59 27.31
N SER C 111 24.42 15.30 27.01
CA SER C 111 24.65 14.24 27.97
C SER C 111 25.63 13.23 27.36
N TYR C 112 26.27 12.45 28.20
CA TYR C 112 27.23 11.44 27.77
C TYR C 112 26.81 10.08 28.29
N GLY C 113 26.95 9.06 27.45
CA GLY C 113 26.59 7.72 27.85
C GLY C 113 25.12 7.42 27.78
N ILE C 114 24.75 6.22 28.24
CA ILE C 114 23.39 5.70 28.16
C ILE C 114 22.76 5.41 29.52
N GLY C 115 23.27 6.05 30.58
CA GLY C 115 22.74 5.92 31.93
C GLY C 115 23.01 4.59 32.61
N ASP C 116 24.01 3.83 32.11
CA ASP C 116 24.35 2.53 32.68
C ASP C 116 25.87 2.45 32.81
N GLU C 117 26.38 2.48 34.05
CA GLU C 117 27.82 2.44 34.38
C GLU C 117 28.64 1.41 33.59
N GLU C 118 28.10 0.20 33.43
CA GLU C 118 28.78 -0.89 32.71
C GLU C 118 29.14 -0.48 31.29
N HIS C 119 28.25 0.28 30.65
CA HIS C 119 28.42 0.66 29.24
C HIS C 119 28.92 2.07 29.01
N ASP C 120 29.19 2.85 30.08
CA ASP C 120 29.55 4.26 29.93
C ASP C 120 31.01 4.61 30.15
N GLN C 121 31.93 3.64 30.14
CA GLN C 121 33.33 3.93 30.43
C GLN C 121 34.26 4.04 29.23
N GLU C 122 33.74 3.92 28.00
CA GLU C 122 34.59 3.93 26.83
C GLU C 122 34.33 5.09 25.84
N GLY C 123 33.64 6.16 26.25
CA GLY C 123 33.45 7.33 25.38
C GLY C 123 32.82 7.02 24.04
N ARG C 124 31.61 6.44 24.09
CA ARG C 124 30.94 5.94 22.88
C ARG C 124 29.70 6.70 22.50
N VAL C 125 29.09 7.49 23.43
CA VAL C 125 27.80 8.11 23.11
C VAL C 125 27.70 9.55 23.58
N ILE C 126 27.17 10.43 22.72
CA ILE C 126 26.87 11.81 23.06
C ILE C 126 25.41 12.01 22.69
N VAL C 127 24.64 12.63 23.61
CA VAL C 127 23.25 12.91 23.37
C VAL C 127 23.11 14.41 23.33
N ALA C 128 22.59 15.00 22.25
CA ALA C 128 22.38 16.44 22.18
C ALA C 128 20.91 16.71 21.90
N GLU C 129 20.22 17.36 22.86
CA GLU C 129 18.81 17.65 22.69
C GLU C 129 18.67 18.99 22.04
N PHE C 130 17.79 19.08 21.06
CA PHE C 130 17.46 20.30 20.34
C PHE C 130 15.96 20.58 20.45
N ASP C 131 15.50 21.68 19.89
CA ASP C 131 14.09 22.04 19.95
C ASP C 131 13.11 20.96 19.48
N SER C 132 13.30 20.43 18.25
CA SER C 132 12.32 19.47 17.74
CA SER C 132 12.38 19.48 17.62
C SER C 132 12.76 18.02 17.74
N PHE C 133 14.02 17.74 18.16
CA PHE C 133 14.46 16.35 18.19
C PHE C 133 15.68 16.19 19.13
N VAL C 134 16.00 14.94 19.40
CA VAL C 134 17.20 14.59 20.18
C VAL C 134 18.14 13.82 19.23
N LEU C 135 19.41 14.23 19.18
CA LEU C 135 20.41 13.61 18.30
C LEU C 135 21.34 12.79 19.16
N VAL C 136 21.59 11.54 18.80
CA VAL C 136 22.47 10.69 19.54
C VAL C 136 23.53 10.25 18.55
N THR C 137 24.82 10.41 18.91
CA THR C 137 25.87 9.84 18.08
C THR C 137 26.58 8.71 18.83
N ALA C 138 26.85 7.60 18.14
CA ALA C 138 27.41 6.45 18.84
C ALA C 138 28.47 5.74 18.06
N TYR C 139 29.43 5.14 18.80
CA TYR C 139 30.45 4.26 18.28
C TYR C 139 30.17 2.95 19.06
N VAL C 140 29.39 2.05 18.43
CA VAL C 140 28.96 0.80 19.06
C VAL C 140 30.16 -0.15 19.26
N PRO C 141 30.27 -0.86 20.39
N PRO C 141 30.23 -0.89 20.37
CA PRO C 141 31.40 -1.78 20.59
CA PRO C 141 31.32 -1.84 20.58
C PRO C 141 31.49 -2.89 19.55
C PRO C 141 31.47 -2.87 19.47
N ASN C 142 32.69 -3.08 19.01
CA ASN C 142 32.95 -4.11 18.00
C ASN C 142 32.89 -5.50 18.71
N ALA C 143 32.37 -6.52 18.01
CA ALA C 143 32.28 -7.88 18.57
C ALA C 143 33.67 -8.53 18.80
N GLY C 144 34.70 -7.97 18.19
CA GLY C 144 36.07 -8.38 18.41
C GLY C 144 36.58 -9.51 17.58
N ARG C 145 37.92 -9.68 17.56
CA ARG C 145 38.58 -10.79 16.88
C ARG C 145 38.14 -12.07 17.56
N GLY C 146 37.77 -13.08 16.78
CA GLY C 146 37.28 -14.34 17.32
C GLY C 146 35.97 -14.22 18.09
N LEU C 147 35.25 -13.09 17.91
CA LEU C 147 33.98 -12.82 18.56
C LEU C 147 34.07 -12.85 20.08
N VAL C 148 35.25 -12.56 20.65
CA VAL C 148 35.41 -12.60 22.11
C VAL C 148 34.55 -11.54 22.85
N ARG C 149 34.09 -10.50 22.14
CA ARG C 149 33.28 -9.45 22.80
C ARG C 149 31.81 -9.51 22.34
N LEU C 150 31.41 -10.63 21.71
CA LEU C 150 30.05 -10.77 21.23
C LEU C 150 29.02 -10.84 22.34
N GLU C 151 29.32 -11.55 23.46
CA GLU C 151 28.40 -11.61 24.59
C GLU C 151 28.22 -10.20 25.19
N TYR C 152 29.33 -9.46 25.32
CA TYR C 152 29.26 -8.11 25.85
C TYR C 152 28.46 -7.21 24.86
N ARG C 153 28.67 -7.39 23.56
CA ARG C 153 27.99 -6.60 22.53
C ARG C 153 26.49 -6.82 22.63
N GLN C 154 26.03 -8.06 22.92
CA GLN C 154 24.61 -8.33 23.05
C GLN C 154 24.03 -7.62 24.27
N ARG C 155 24.79 -7.55 25.38
CA ARG C 155 24.38 -6.79 26.57
C ARG C 155 24.30 -5.30 26.23
N TRP C 156 25.30 -4.78 25.48
CA TRP C 156 25.32 -3.38 25.09
C TRP C 156 24.08 -3.11 24.24
N ASP C 157 23.79 -3.98 23.24
CA ASP C 157 22.65 -3.72 22.34
C ASP C 157 21.35 -3.59 23.09
N GLU C 158 21.12 -4.47 24.11
CA GLU C 158 19.89 -4.44 24.89
C GLU C 158 19.80 -3.16 25.71
N ALA C 159 20.90 -2.78 26.40
CA ALA C 159 20.89 -1.56 27.22
C ALA C 159 20.72 -0.31 26.35
N PHE C 160 21.36 -0.29 25.18
CA PHE C 160 21.26 0.84 24.27
C PHE C 160 19.84 0.95 23.71
N ARG C 161 19.22 -0.18 23.35
CA ARG C 161 17.87 -0.22 22.81
C ARG C 161 16.89 0.33 23.86
N LYS C 162 17.02 -0.12 25.10
CA LYS C 162 16.18 0.33 26.22
C LYS C 162 16.34 1.85 26.43
N PHE C 163 17.58 2.33 26.43
CA PHE C 163 17.88 3.75 26.59
C PHE C 163 17.25 4.59 25.45
N LEU C 164 17.39 4.15 24.20
CA LEU C 164 16.85 4.90 23.06
C LEU C 164 15.33 4.89 23.02
N LYS C 165 14.71 3.78 23.43
CA LYS C 165 13.25 3.70 23.49
C LYS C 165 12.71 4.75 24.51
N GLY C 166 13.45 4.94 25.62
CA GLY C 166 13.12 5.92 26.63
C GLY C 166 13.22 7.34 26.12
N LEU C 167 14.28 7.63 25.36
CA LEU C 167 14.48 8.96 24.77
C LEU C 167 13.37 9.23 23.75
N ALA C 168 13.04 8.26 22.91
CA ALA C 168 12.02 8.41 21.85
C ALA C 168 10.61 8.61 22.39
N SER C 169 10.34 8.17 23.62
CA SER C 169 9.03 8.35 24.23
C SER C 169 8.75 9.82 24.61
N ARG C 170 9.78 10.67 24.58
CA ARG C 170 9.64 12.09 24.99
C ARG C 170 9.84 13.03 23.80
N LYS C 171 10.73 12.68 22.86
CA LYS C 171 10.99 13.53 21.72
C LYS C 171 11.42 12.69 20.51
N PRO C 172 11.14 13.14 19.27
CA PRO C 172 11.62 12.40 18.08
C PRO C 172 13.15 12.28 18.11
N LEU C 173 13.68 11.14 17.61
CA LEU C 173 15.10 10.87 17.73
C LEU C 173 15.81 10.64 16.41
N VAL C 174 17.08 11.07 16.35
CA VAL C 174 17.96 10.77 15.22
C VAL C 174 19.18 10.09 15.85
N LEU C 175 19.50 8.88 15.43
CA LEU C 175 20.66 8.17 15.95
C LEU C 175 21.61 8.05 14.77
N CYS C 176 22.86 8.47 14.97
CA CYS C 176 23.84 8.30 13.91
C CYS C 176 25.15 7.80 14.41
N GLY C 177 25.92 7.23 13.48
CA GLY C 177 27.27 6.87 13.80
C GLY C 177 27.59 5.50 13.27
N ASP C 178 28.63 4.90 13.86
CA ASP C 178 29.12 3.62 13.44
C ASP C 178 28.50 2.60 14.36
N LEU C 179 27.47 1.94 13.82
CA LEU C 179 26.71 0.95 14.60
C LEU C 179 27.32 -0.46 14.55
N ASN C 180 28.44 -0.64 13.84
CA ASN C 180 29.19 -1.87 13.82
C ASN C 180 28.38 -3.12 13.48
N VAL C 181 27.52 -2.97 12.48
CA VAL C 181 26.78 -4.09 11.94
C VAL C 181 26.30 -3.73 10.54
N ALA C 182 26.40 -4.69 9.61
CA ALA C 182 25.83 -4.56 8.27
C ALA C 182 24.49 -5.33 8.43
N HIS C 183 23.36 -4.62 8.43
CA HIS C 183 22.07 -5.25 8.74
C HIS C 183 21.74 -6.47 7.88
N GLU C 184 21.75 -6.31 6.56
CA GLU C 184 21.37 -7.37 5.64
C GLU C 184 22.45 -7.70 4.64
N GLU C 185 22.30 -8.78 3.85
CA GLU C 185 23.32 -9.14 2.87
C GLU C 185 23.65 -7.99 1.89
N ILE C 186 22.64 -7.19 1.50
CA ILE C 186 22.87 -6.05 0.60
C ILE C 186 23.82 -4.99 1.26
N ASP C 187 23.99 -5.05 2.59
CA ASP C 187 24.82 -4.09 3.33
C ASP C 187 26.31 -4.45 3.37
N LEU C 188 26.76 -5.50 2.65
CA LEU C 188 28.21 -5.76 2.59
C LEU C 188 28.53 -6.53 1.33
N ARG C 189 29.79 -6.43 0.87
CA ARG C 189 30.15 -7.05 -0.41
C ARG C 189 30.23 -8.56 -0.34
N ASN C 190 30.70 -9.07 0.79
CA ASN C 190 30.89 -10.49 0.96
C ASN C 190 30.09 -11.08 2.15
N PRO C 191 28.77 -11.25 2.01
CA PRO C 191 28.00 -11.84 3.11
C PRO C 191 28.40 -13.28 3.44
N LYS C 192 28.69 -14.12 2.43
CA LYS C 192 29.00 -15.53 2.65
C LYS C 192 30.26 -15.74 3.48
N GLY C 193 31.32 -14.97 3.20
CA GLY C 193 32.57 -15.13 3.93
C GLY C 193 32.61 -14.45 5.29
N ASN C 194 31.60 -13.64 5.62
CA ASN C 194 31.61 -12.87 6.86
C ASN C 194 30.52 -13.22 7.90
N LYS C 195 29.81 -14.33 7.70
CA LYS C 195 28.72 -14.74 8.60
C LYS C 195 29.16 -15.06 10.03
N LYS C 196 30.46 -15.35 10.23
CA LYS C 196 31.06 -15.61 11.53
C LYS C 196 32.10 -14.54 11.93
N ASN C 197 32.06 -13.37 11.29
CA ASN C 197 32.97 -12.28 11.63
C ASN C 197 32.21 -11.14 12.25
N ALA C 198 32.91 -10.35 13.08
CA ALA C 198 32.30 -9.19 13.74
C ALA C 198 31.72 -8.25 12.68
N GLY C 199 30.46 -7.89 12.88
CA GLY C 199 29.76 -6.98 12.00
C GLY C 199 28.65 -7.65 11.21
N PHE C 200 28.74 -9.01 11.03
CA PHE C 200 27.72 -9.68 10.24
C PHE C 200 27.23 -10.98 10.91
N THR C 201 27.37 -11.08 12.25
CA THR C 201 26.91 -12.32 12.92
C THR C 201 25.40 -12.24 12.98
N PRO C 202 24.71 -13.42 13.06
CA PRO C 202 23.25 -13.38 13.22
C PRO C 202 22.86 -12.59 14.49
N GLN C 203 23.66 -12.71 15.58
CA GLN C 203 23.39 -11.98 16.83
C GLN C 203 23.35 -10.47 16.61
N GLU C 204 24.35 -9.96 15.89
CA GLU C 204 24.44 -8.52 15.64
C GLU C 204 23.34 -8.07 14.71
N ARG C 205 23.10 -8.84 13.62
CA ARG C 205 22.01 -8.48 12.69
C ARG C 205 20.64 -8.50 13.37
N GLN C 206 20.41 -9.51 14.21
CA GLN C 206 19.14 -9.61 14.93
C GLN C 206 19.02 -8.44 15.92
N GLY C 207 20.12 -8.00 16.54
CA GLY C 207 20.07 -6.84 17.44
C GLY C 207 19.69 -5.57 16.67
N PHE C 208 20.21 -5.40 15.45
CA PHE C 208 19.86 -4.23 14.62
C PHE C 208 18.38 -4.24 14.28
N GLY C 209 17.85 -5.42 13.91
CA GLY C 209 16.42 -5.56 13.61
C GLY C 209 15.58 -5.23 14.83
N GLU C 210 16.04 -5.64 16.02
CA GLU C 210 15.34 -5.35 17.25
C GLU C 210 15.33 -3.87 17.57
N LEU C 211 16.43 -3.17 17.28
CA LEU C 211 16.53 -1.73 17.49
C LEU C 211 15.54 -0.98 16.61
N LEU C 212 15.42 -1.39 15.33
CA LEU C 212 14.44 -0.76 14.42
C LEU C 212 13.01 -1.01 14.87
N GLN C 213 12.72 -2.21 15.36
CA GLN C 213 11.35 -2.56 15.76
C GLN C 213 10.92 -1.97 17.10
N ALA C 214 11.80 -2.01 18.10
CA ALA C 214 11.45 -1.64 19.47
C ALA C 214 11.35 -0.16 19.77
N VAL C 215 12.20 0.69 19.17
CA VAL C 215 12.22 2.10 19.52
C VAL C 215 10.88 2.83 19.12
N PRO C 216 10.37 2.77 17.87
CA PRO C 216 10.96 2.21 16.65
C PRO C 216 11.79 3.24 15.89
N LEU C 217 12.62 2.75 14.98
CA LEU C 217 13.46 3.60 14.14
C LEU C 217 13.47 3.09 12.72
N ALA C 218 13.69 3.98 11.76
CA ALA C 218 13.79 3.60 10.34
C ALA C 218 15.23 3.86 9.90
N ASP C 219 15.75 2.99 9.01
CA ASP C 219 17.09 3.18 8.46
C ASP C 219 16.87 4.13 7.28
N SER C 220 17.22 5.41 7.47
CA SER C 220 17.00 6.46 6.46
C SER C 220 17.48 6.08 5.03
N PHE C 221 18.74 5.66 4.91
CA PHE C 221 19.28 5.30 3.60
C PHE C 221 18.48 4.15 2.96
N ARG C 222 18.30 3.02 3.68
CA ARG C 222 17.61 1.87 3.08
C ARG C 222 16.15 2.16 2.82
N HIS C 223 15.52 3.00 3.65
CA HIS C 223 14.13 3.40 3.44
C HIS C 223 13.97 4.12 2.08
N LEU C 224 14.94 4.97 1.72
CA LEU C 224 14.88 5.71 0.47
C LEU C 224 15.39 4.91 -0.72
N TYR C 225 16.34 4.01 -0.50
CA TYR C 225 16.96 3.24 -1.58
C TYR C 225 16.90 1.75 -1.20
N PRO C 226 15.68 1.17 -1.15
CA PRO C 226 15.53 -0.21 -0.66
C PRO C 226 16.24 -1.30 -1.44
N ASN C 227 16.46 -1.08 -2.73
CA ASN C 227 17.07 -2.11 -3.58
C ASN C 227 18.46 -1.78 -4.11
N THR C 228 19.08 -0.71 -3.59
CA THR C 228 20.38 -0.30 -4.09
C THR C 228 21.55 -1.06 -3.48
N PRO C 229 22.29 -1.82 -4.29
CA PRO C 229 23.43 -2.55 -3.76
C PRO C 229 24.75 -1.77 -3.89
N TYR C 230 25.80 -2.32 -3.27
CA TYR C 230 27.16 -1.81 -3.35
C TYR C 230 27.34 -0.43 -2.71
N ALA C 231 26.43 -0.05 -1.80
CA ALA C 231 26.48 1.23 -1.09
C ALA C 231 27.06 0.97 0.30
N TYR C 232 28.38 1.23 0.46
CA TYR C 232 29.06 0.94 1.72
C TYR C 232 29.67 2.22 2.31
N THR C 233 30.03 2.15 3.60
CA THR C 233 30.64 3.26 4.31
C THR C 233 31.99 2.88 4.98
N PHE C 234 32.40 1.62 4.87
CA PHE C 234 33.65 1.18 5.46
C PHE C 234 34.34 0.23 4.48
N TRP C 235 35.66 0.32 4.37
CA TRP C 235 36.44 -0.63 3.59
C TRP C 235 37.74 -0.86 4.34
N THR C 236 38.13 -2.10 4.56
CA THR C 236 39.41 -2.37 5.25
C THR C 236 40.58 -1.69 4.51
N TYR C 237 41.55 -1.16 5.26
CA TYR C 237 42.72 -0.55 4.62
C TYR C 237 43.54 -1.60 3.83
N MET C 238 43.35 -2.88 4.11
CA MET C 238 44.10 -3.98 3.50
C MET C 238 43.54 -4.43 2.16
N MET C 239 44.39 -5.09 1.34
CA MET C 239 44.04 -5.72 0.05
C MET C 239 43.33 -4.83 -0.98
N ASN C 240 43.61 -3.53 -1.00
CA ASN C 240 43.00 -2.55 -1.93
C ASN C 240 41.46 -2.65 -1.92
N ALA C 241 40.89 -2.93 -0.75
CA ALA C 241 39.46 -3.13 -0.62
C ALA C 241 38.65 -1.94 -1.08
N ARG C 242 39.09 -0.72 -0.75
CA ARG C 242 38.34 0.46 -1.17
C ARG C 242 38.28 0.61 -2.69
N SER C 243 39.41 0.41 -3.40
CA SER C 243 39.43 0.54 -4.86
C SER C 243 38.54 -0.51 -5.55
N LYS C 244 38.30 -1.66 -4.91
CA LYS C 244 37.41 -2.67 -5.47
C LYS C 244 35.99 -2.57 -4.91
N ASN C 245 35.73 -1.62 -3.97
CA ASN C 245 34.42 -1.48 -3.34
C ASN C 245 34.02 -2.76 -2.63
N VAL C 246 35.00 -3.38 -1.93
CA VAL C 246 34.75 -4.53 -1.08
C VAL C 246 34.54 -3.92 0.30
N GLY C 247 33.32 -3.48 0.56
CA GLY C 247 33.04 -2.80 1.81
C GLY C 247 31.84 -3.28 2.59
N TRP C 248 31.51 -2.51 3.63
CA TRP C 248 30.40 -2.79 4.52
C TRP C 248 29.69 -1.47 4.81
N ARG C 249 28.36 -1.50 4.96
CA ARG C 249 27.64 -0.31 5.38
C ARG C 249 27.46 -0.45 6.88
N LEU C 250 28.33 0.22 7.63
CA LEU C 250 28.31 0.20 9.10
C LEU C 250 27.82 1.48 9.71
N ASP C 251 27.70 2.57 8.90
CA ASP C 251 27.38 3.88 9.41
C ASP C 251 25.98 4.26 8.95
N TYR C 252 25.13 4.71 9.91
CA TYR C 252 23.73 4.94 9.60
C TYR C 252 23.17 6.20 10.18
N PHE C 253 22.01 6.63 9.65
CA PHE C 253 21.18 7.61 10.31
C PHE C 253 19.85 6.84 10.49
N LEU C 254 19.47 6.60 11.75
CA LEU C 254 18.21 5.94 12.08
C LEU C 254 17.31 7.02 12.63
N LEU C 255 16.07 7.09 12.18
CA LEU C 255 15.17 8.16 12.62
C LEU C 255 13.88 7.61 13.17
N SER C 256 13.25 8.37 14.09
CA SER C 256 11.93 8.03 14.57
C SER C 256 10.95 8.11 13.38
N HIS C 257 9.91 7.25 13.37
CA HIS C 257 8.92 7.25 12.31
C HIS C 257 8.26 8.61 12.14
N SER C 258 8.13 9.39 13.24
CA SER C 258 7.54 10.73 13.19
C SER C 258 8.38 11.73 12.40
N LEU C 259 9.69 11.45 12.19
CA LEU C 259 10.58 12.30 11.41
C LEU C 259 10.66 11.89 9.93
N LEU C 260 10.00 10.77 9.53
CA LEU C 260 9.99 10.37 8.11
C LEU C 260 9.42 11.48 7.20
N PRO C 261 8.34 12.21 7.57
CA PRO C 261 7.87 13.31 6.71
C PRO C 261 8.89 14.44 6.52
N ALA C 262 9.87 14.55 7.43
CA ALA C 262 10.94 15.55 7.35
C ALA C 262 12.17 15.05 6.57
N LEU C 263 12.24 13.75 6.24
CA LEU C 263 13.40 13.20 5.54
C LEU C 263 13.49 13.65 4.09
N CYS C 264 14.61 14.33 3.74
CA CYS C 264 14.84 14.78 2.37
C CYS C 264 15.76 13.76 1.68
N ASP C 265 16.93 13.46 2.33
CA ASP C 265 17.84 12.48 1.73
C ASP C 265 18.80 11.96 2.80
N SER C 266 19.44 10.85 2.48
CA SER C 266 20.43 10.22 3.32
C SER C 266 21.54 9.84 2.34
N LYS C 267 22.72 10.49 2.45
CA LYS C 267 23.82 10.38 1.50
C LYS C 267 24.97 9.57 2.01
N ILE C 268 25.72 8.98 1.07
CA ILE C 268 26.96 8.26 1.40
C ILE C 268 28.03 8.96 0.58
N ARG C 269 28.96 9.69 1.22
CA ARG C 269 29.96 10.47 0.49
C ARG C 269 31.13 9.59 0.15
N SER C 270 30.91 8.66 -0.80
CA SER C 270 31.85 7.61 -1.24
CA SER C 270 31.87 7.61 -1.13
C SER C 270 33.28 8.04 -1.51
N LYS C 271 33.45 9.20 -2.16
CA LYS C 271 34.78 9.64 -2.58
C LYS C 271 35.58 10.43 -1.56
N ALA C 272 34.98 10.77 -0.42
CA ALA C 272 35.65 11.57 0.60
C ALA C 272 36.67 10.72 1.36
N LEU C 273 37.94 11.08 1.21
CA LEU C 273 39.05 10.34 1.82
C LEU C 273 39.42 10.88 3.21
N GLY C 274 40.33 10.17 3.92
CA GLY C 274 40.76 10.63 5.24
C GLY C 274 40.60 9.60 6.35
N SER C 275 39.86 8.50 6.06
CA SER C 275 39.63 7.44 7.02
CA SER C 275 39.63 7.44 7.02
C SER C 275 39.36 6.11 6.29
N ASP C 276 39.14 5.01 7.04
CA ASP C 276 38.71 3.74 6.43
C ASP C 276 37.16 3.73 6.30
N HIS C 277 36.48 4.75 6.87
CA HIS C 277 35.08 4.97 6.68
C HIS C 277 34.94 6.26 5.86
N CYS C 278 33.81 6.38 5.14
CA CYS C 278 33.52 7.61 4.42
CA CYS C 278 33.49 7.58 4.38
C CYS C 278 32.41 8.34 5.21
N PRO C 279 32.20 9.65 4.97
CA PRO C 279 31.12 10.35 5.69
C PRO C 279 29.75 9.99 5.14
N ILE C 280 28.75 10.15 5.99
CA ILE C 280 27.36 10.05 5.59
C ILE C 280 26.67 11.38 5.99
N THR C 281 25.68 11.81 5.22
CA THR C 281 25.02 13.10 5.50
C THR C 281 23.50 12.97 5.40
N LEU C 282 22.79 13.59 6.33
CA LEU C 282 21.35 13.56 6.42
C LEU C 282 20.80 14.96 6.19
N TYR C 283 19.75 15.10 5.36
CA TYR C 283 19.06 16.37 5.12
C TYR C 283 17.64 16.22 5.70
N LEU C 284 17.27 17.09 6.65
CA LEU C 284 15.95 17.06 7.27
C LEU C 284 15.27 18.41 7.09
N ALA C 285 13.97 18.39 6.85
CA ALA C 285 13.19 19.59 6.73
C ALA C 285 12.43 19.76 8.05
N LEU C 286 13.08 20.33 9.05
CA LEU C 286 12.43 20.56 10.35
C LEU C 286 11.95 21.99 10.36
N GLY D 9 8.67 10.51 -32.93
CA GLY D 9 8.02 11.73 -33.40
C GLY D 9 7.16 12.27 -32.29
N PRO D 10 7.15 13.60 -32.08
CA PRO D 10 6.41 14.15 -30.94
C PRO D 10 5.00 14.66 -31.21
N ALA D 11 4.27 14.97 -30.12
CA ALA D 11 2.91 15.49 -30.19
C ALA D 11 2.90 16.96 -30.65
N LEU D 12 1.89 17.26 -31.46
CA LEU D 12 1.77 18.63 -32.00
C LEU D 12 0.57 19.32 -31.37
N TYR D 13 0.81 20.44 -30.67
CA TYR D 13 -0.29 21.21 -30.11
C TYR D 13 -0.16 22.70 -30.44
N GLU D 14 -1.16 23.24 -31.09
CA GLU D 14 -1.21 24.65 -31.44
C GLU D 14 -2.48 25.22 -30.82
N ASP D 15 -2.33 26.03 -29.76
CA ASP D 15 -3.48 26.64 -29.09
C ASP D 15 -4.20 27.55 -30.07
N PRO D 16 -5.52 27.38 -30.25
CA PRO D 16 -6.22 28.20 -31.25
C PRO D 16 -6.20 29.69 -30.93
N PRO D 17 -6.48 30.55 -31.93
CA PRO D 17 -6.51 32.01 -31.68
C PRO D 17 -7.47 32.41 -30.55
N ASP D 18 -7.19 33.54 -29.89
CA ASP D 18 -8.02 33.99 -28.78
C ASP D 18 -9.41 34.40 -29.27
N GLN D 19 -10.44 33.77 -28.72
CA GLN D 19 -11.81 34.18 -29.00
C GLN D 19 -12.18 35.17 -27.89
N LYS D 20 -12.21 36.47 -28.21
CA LYS D 20 -12.46 37.51 -27.22
C LYS D 20 -13.90 38.03 -27.16
N THR D 21 -14.85 37.29 -27.75
CA THR D 21 -16.27 37.62 -27.64
C THR D 21 -17.02 36.39 -27.15
N SER D 22 -18.02 36.60 -26.30
CA SER D 22 -18.84 35.52 -25.76
C SER D 22 -19.72 34.93 -26.89
N PRO D 23 -20.36 33.76 -26.69
CA PRO D 23 -21.25 33.23 -27.74
C PRO D 23 -22.37 34.21 -28.14
N SER D 24 -22.80 35.08 -27.22
CA SER D 24 -23.82 36.09 -27.51
C SER D 24 -23.29 37.33 -28.25
N GLY D 25 -21.98 37.45 -28.38
CA GLY D 25 -21.34 38.59 -29.05
C GLY D 25 -20.80 39.65 -28.10
N LYS D 26 -20.83 39.39 -26.79
CA LYS D 26 -20.38 40.38 -25.80
C LYS D 26 -18.86 40.33 -25.68
N PRO D 27 -18.16 41.47 -25.84
CA PRO D 27 -16.68 41.44 -25.74
C PRO D 27 -16.19 41.07 -24.34
N ALA D 28 -15.02 40.42 -24.27
CA ALA D 28 -14.43 40.10 -22.97
C ALA D 28 -14.10 41.41 -22.24
N THR D 29 -14.41 41.44 -20.95
CA THR D 29 -14.13 42.60 -20.08
C THR D 29 -13.11 42.26 -18.99
N LEU D 30 -12.80 40.98 -18.81
CA LEU D 30 -11.88 40.53 -17.80
C LEU D 30 -10.94 39.47 -18.37
N LYS D 31 -9.62 39.65 -18.18
CA LYS D 31 -8.63 38.68 -18.66
C LYS D 31 -7.85 38.24 -17.42
N ILE D 32 -7.91 36.95 -17.06
CA ILE D 32 -7.18 36.45 -15.87
C ILE D 32 -6.11 35.53 -16.35
N CYS D 33 -4.89 35.65 -15.82
CA CYS D 33 -3.78 34.77 -16.18
C CYS D 33 -3.37 34.01 -14.92
N SER D 34 -3.15 32.72 -15.04
CA SER D 34 -2.75 31.89 -13.90
C SER D 34 -1.46 31.21 -14.26
N TRP D 35 -0.45 31.19 -13.35
CA TRP D 35 0.81 30.59 -13.71
C TRP D 35 1.54 30.03 -12.50
N ASN D 36 1.90 28.75 -12.56
CA ASN D 36 2.75 28.17 -11.54
C ASN D 36 4.18 28.55 -11.96
N VAL D 37 4.81 29.44 -11.19
CA VAL D 37 6.10 30.03 -11.52
C VAL D 37 7.32 29.21 -11.08
N ASP D 38 7.09 28.17 -10.25
CA ASP D 38 8.14 27.29 -9.71
C ASP D 38 9.31 28.09 -9.13
N GLY D 39 8.97 29.06 -8.28
CA GLY D 39 9.98 29.89 -7.65
C GLY D 39 9.99 31.26 -8.29
N LEU D 40 9.52 32.25 -7.54
CA LEU D 40 9.36 33.61 -8.01
C LEU D 40 10.69 34.20 -8.47
N ARG D 41 11.76 34.00 -7.72
CA ARG D 41 13.05 34.53 -8.12
C ARG D 41 13.57 33.87 -9.38
N ALA D 42 13.43 32.55 -9.48
CA ALA D 42 13.92 31.82 -10.65
C ALA D 42 13.16 32.26 -11.90
N TRP D 43 11.83 32.41 -11.77
CA TRP D 43 10.94 32.82 -12.82
C TRP D 43 11.27 34.24 -13.29
N ILE D 44 11.55 35.17 -12.35
CA ILE D 44 11.93 36.53 -12.73
C ILE D 44 13.23 36.52 -13.53
N LYS D 45 14.20 35.72 -13.08
CA LYS D 45 15.50 35.60 -13.80
C LYS D 45 15.28 35.06 -15.21
N LYS D 46 14.31 34.16 -15.37
CA LYS D 46 13.99 33.58 -16.67
C LYS D 46 13.02 34.43 -17.51
N LYS D 47 12.90 35.74 -17.20
CA LYS D 47 12.11 36.72 -17.93
C LYS D 47 10.59 36.53 -17.86
N GLY D 48 10.12 35.97 -16.76
CA GLY D 48 8.68 35.77 -16.58
C GLY D 48 7.86 37.04 -16.57
N LEU D 49 8.43 38.12 -15.99
CA LEU D 49 7.73 39.41 -15.93
C LEU D 49 7.57 40.04 -17.28
N ASP D 50 8.56 39.86 -18.17
CA ASP D 50 8.47 40.40 -19.53
C ASP D 50 7.29 39.76 -20.27
N TRP D 51 7.02 38.48 -20.00
CA TRP D 51 5.88 37.79 -20.60
C TRP D 51 4.55 38.34 -20.05
N VAL D 52 4.46 38.52 -18.73
CA VAL D 52 3.27 39.11 -18.08
C VAL D 52 2.96 40.48 -18.66
N LYS D 53 4.00 41.29 -18.92
CA LYS D 53 3.81 42.62 -19.49
C LYS D 53 3.15 42.55 -20.85
N GLU D 54 3.59 41.61 -21.70
CA GLU D 54 3.02 41.47 -23.04
C GLU D 54 1.59 40.94 -22.99
N GLU D 55 1.32 40.01 -22.05
CA GLU D 55 -0.02 39.45 -21.88
C GLU D 55 -1.02 40.47 -21.33
N ALA D 56 -0.53 41.36 -20.46
CA ALA D 56 -1.32 42.44 -19.84
C ALA D 56 -2.66 41.96 -19.26
N PRO D 57 -2.64 40.96 -18.35
CA PRO D 57 -3.90 40.51 -17.75
C PRO D 57 -4.45 41.53 -16.76
N ASP D 58 -5.75 41.47 -16.49
CA ASP D 58 -6.37 42.33 -15.47
C ASP D 58 -6.07 41.75 -14.09
N ILE D 59 -6.00 40.41 -13.99
CA ILE D 59 -5.68 39.71 -12.75
C ILE D 59 -4.68 38.63 -13.06
N LEU D 60 -3.64 38.53 -12.25
CA LEU D 60 -2.60 37.52 -12.42
C LEU D 60 -2.53 36.72 -11.12
N CYS D 61 -2.66 35.39 -11.22
CA CYS D 61 -2.60 34.47 -10.08
C CYS D 61 -1.34 33.66 -10.24
N LEU D 62 -0.51 33.59 -9.20
CA LEU D 62 0.74 32.87 -9.25
C LEU D 62 0.76 31.75 -8.22
N GLN D 63 1.33 30.61 -8.58
CA GLN D 63 1.45 29.46 -7.68
C GLN D 63 2.86 28.98 -7.56
N GLU D 64 3.17 28.37 -6.41
CA GLU D 64 4.50 27.89 -6.09
C GLU D 64 5.52 29.03 -6.15
N THR D 65 5.17 30.14 -5.49
CA THR D 65 6.04 31.31 -5.45
C THR D 65 7.32 31.03 -4.67
N LYS D 66 7.24 30.11 -3.69
CA LYS D 66 8.36 29.74 -2.82
C LYS D 66 8.96 30.98 -2.12
N CYS D 67 8.15 32.02 -1.93
CA CYS D 67 8.62 33.26 -1.45
C CYS D 67 7.77 33.83 -0.36
N SER D 68 8.39 34.29 0.70
CA SER D 68 7.71 34.92 1.82
C SER D 68 7.29 36.35 1.42
N GLU D 69 6.20 36.88 2.02
CA GLU D 69 5.79 38.26 1.71
C GLU D 69 6.87 39.27 2.14
N ASN D 70 7.65 38.91 3.17
CA ASN D 70 8.69 39.79 3.65
C ASN D 70 10.00 39.69 2.84
N LYS D 71 10.08 38.79 1.85
CA LYS D 71 11.26 38.61 1.01
C LYS D 71 10.90 38.70 -0.48
N LEU D 72 9.82 39.42 -0.84
CA LEU D 72 9.39 39.56 -2.22
C LEU D 72 10.42 40.34 -3.02
N PRO D 73 10.78 39.85 -4.23
CA PRO D 73 11.78 40.55 -5.04
C PRO D 73 11.30 41.95 -5.40
N ALA D 74 12.22 42.92 -5.38
CA ALA D 74 11.88 44.30 -5.72
C ALA D 74 11.42 44.46 -7.17
N GLU D 75 11.86 43.54 -8.04
CA GLU D 75 11.52 43.62 -9.49
C GLU D 75 10.00 43.52 -9.67
N LEU D 76 9.26 43.17 -8.62
CA LEU D 76 7.76 43.08 -8.69
C LEU D 76 7.17 44.47 -8.91
N GLN D 77 7.87 45.53 -8.49
CA GLN D 77 7.38 46.92 -8.60
C GLN D 77 7.37 47.36 -10.06
N GLU D 78 7.92 46.54 -10.96
CA GLU D 78 7.99 46.87 -12.41
C GLU D 78 6.72 46.37 -13.07
N LEU D 79 5.75 45.89 -12.29
CA LEU D 79 4.44 45.44 -12.83
C LEU D 79 3.46 46.63 -12.89
N PRO D 80 3.23 47.31 -14.05
CA PRO D 80 2.24 48.37 -14.05
C PRO D 80 0.82 47.78 -14.18
N GLY D 81 -0.17 48.43 -13.57
CA GLY D 81 -1.56 47.98 -13.74
C GLY D 81 -1.87 46.72 -12.98
N LEU D 82 -1.02 46.33 -12.02
CA LEU D 82 -1.30 45.18 -11.16
C LEU D 82 -0.81 45.58 -9.76
N SER D 83 -1.29 46.74 -9.28
CA SER D 83 -0.86 47.35 -8.01
C SER D 83 -1.45 46.76 -6.75
N HIS D 84 -2.58 46.03 -6.84
CA HIS D 84 -3.19 45.42 -5.67
C HIS D 84 -2.65 44.01 -5.57
N GLN D 85 -1.77 43.77 -4.60
CA GLN D 85 -1.08 42.49 -4.47
C GLN D 85 -1.34 41.77 -3.15
N TYR D 86 -1.61 40.46 -3.23
CA TYR D 86 -1.87 39.63 -2.06
C TYR D 86 -1.00 38.40 -2.15
N TRP D 87 -0.24 38.13 -1.09
CA TRP D 87 0.67 36.99 -1.06
C TRP D 87 0.39 36.16 0.16
N SER D 88 0.39 34.85 -0.02
CA SER D 88 0.22 33.91 1.09
C SER D 88 1.39 32.93 1.05
N ALA D 89 1.98 32.59 2.19
CA ALA D 89 3.14 31.70 2.27
C ALA D 89 2.99 30.73 3.46
N PRO D 90 3.66 29.57 3.47
CA PRO D 90 3.57 28.67 4.63
C PRO D 90 3.96 29.39 5.91
N SER D 91 3.21 29.18 6.98
CA SER D 91 3.44 29.85 8.26
C SER D 91 4.77 29.46 8.91
N GLU D 94 9.80 28.60 5.14
CA GLU D 94 9.91 29.39 3.90
C GLU D 94 10.56 28.58 2.75
N GLY D 95 10.39 29.03 1.51
CA GLY D 95 11.00 28.36 0.36
C GLY D 95 10.19 27.24 -0.24
N TYR D 96 8.89 27.19 0.06
CA TYR D 96 8.03 26.19 -0.55
C TYR D 96 6.60 26.66 -0.70
N SER D 97 5.88 26.07 -1.65
CA SER D 97 4.47 26.40 -1.89
C SER D 97 4.28 27.94 -2.06
N GLY D 98 3.20 28.54 -1.59
CA GLY D 98 2.99 29.98 -1.70
C GLY D 98 2.25 30.34 -2.96
N VAL D 99 1.31 31.26 -2.81
CA VAL D 99 0.51 31.73 -3.94
C VAL D 99 0.42 33.25 -3.88
N GLY D 100 0.10 33.87 -5.02
CA GLY D 100 -0.03 35.30 -5.10
C GLY D 100 -1.18 35.68 -6.01
N LEU D 101 -1.81 36.80 -5.74
CA LEU D 101 -2.92 37.30 -6.55
C LEU D 101 -2.64 38.79 -6.74
N LEU D 102 -2.53 39.23 -8.00
CA LEU D 102 -2.22 40.61 -8.35
C LEU D 102 -3.39 41.10 -9.20
N SER D 103 -3.93 42.27 -8.89
CA SER D 103 -5.11 42.77 -9.61
C SER D 103 -4.99 44.23 -9.94
N ARG D 104 -5.59 44.63 -11.08
CA ARG D 104 -5.61 46.01 -11.50
C ARG D 104 -6.62 46.78 -10.63
N GLN D 105 -7.79 46.17 -10.38
CA GLN D 105 -8.81 46.78 -9.53
C GLN D 105 -8.77 46.16 -8.14
N CYS D 106 -9.11 46.95 -7.13
CA CYS D 106 -9.11 46.45 -5.76
C CYS D 106 -10.28 45.51 -5.54
N PRO D 107 -10.04 44.30 -5.02
CA PRO D 107 -11.17 43.41 -4.71
C PRO D 107 -11.99 43.96 -3.53
N LEU D 108 -13.23 43.48 -3.41
CA LEU D 108 -14.09 43.85 -2.30
C LEU D 108 -13.54 43.28 -1.00
N LYS D 109 -13.05 42.04 -1.03
CA LYS D 109 -12.50 41.37 0.14
C LYS D 109 -11.53 40.28 -0.27
N VAL D 110 -10.49 40.10 0.53
CA VAL D 110 -9.47 39.08 0.28
C VAL D 110 -9.40 38.19 1.52
N SER D 111 -9.38 36.88 1.34
CA SER D 111 -9.26 35.92 2.43
C SER D 111 -8.17 34.90 2.07
N TYR D 112 -7.61 34.25 3.09
CA TYR D 112 -6.56 33.26 2.89
C TYR D 112 -6.99 31.93 3.49
N GLY D 113 -6.71 30.86 2.77
CA GLY D 113 -7.06 29.53 3.25
C GLY D 113 -8.49 29.11 2.96
N ILE D 114 -8.87 27.95 3.48
CA ILE D 114 -10.19 27.36 3.26
C ILE D 114 -11.01 27.19 4.56
N GLY D 115 -10.67 27.94 5.59
CA GLY D 115 -11.38 27.90 6.87
C GLY D 115 -11.16 26.65 7.70
N ASP D 116 -10.10 25.89 7.42
CA ASP D 116 -9.80 24.66 8.15
C ASP D 116 -8.32 24.65 8.52
N GLU D 117 -8.01 24.80 9.82
CA GLU D 117 -6.65 24.86 10.36
C GLU D 117 -5.69 23.80 9.83
N GLU D 118 -6.16 22.56 9.71
CA GLU D 118 -5.34 21.45 9.19
C GLU D 118 -4.78 21.74 7.79
N HIS D 119 -5.58 22.37 6.95
CA HIS D 119 -5.18 22.65 5.57
C HIS D 119 -4.73 24.08 5.28
N ASP D 120 -4.67 24.94 6.31
CA ASP D 120 -4.32 26.35 6.10
C ASP D 120 -2.91 26.75 6.53
N GLN D 121 -1.99 25.78 6.69
CA GLN D 121 -0.63 26.09 7.14
C GLN D 121 0.43 26.15 6.06
N GLU D 122 0.07 25.87 4.79
CA GLU D 122 1.07 25.85 3.73
C GLU D 122 0.91 26.94 2.68
N GLY D 123 0.11 27.97 2.95
CA GLY D 123 -0.09 29.10 2.03
C GLY D 123 -0.44 28.68 0.62
N ARG D 124 -1.54 27.98 0.49
CA ARG D 124 -1.97 27.46 -0.80
C ARG D 124 -3.15 28.17 -1.44
N VAL D 125 -3.94 28.96 -0.68
CA VAL D 125 -5.18 29.53 -1.27
C VAL D 125 -5.39 31.01 -0.98
N ILE D 126 -5.82 31.77 -2.00
CA ILE D 126 -6.24 33.15 -1.82
C ILE D 126 -7.65 33.24 -2.41
N VAL D 127 -8.55 33.87 -1.70
CA VAL D 127 -9.93 34.08 -2.17
C VAL D 127 -10.14 35.57 -2.36
N ALA D 128 -10.47 36.03 -3.57
CA ALA D 128 -10.70 37.46 -3.82
C ALA D 128 -12.10 37.65 -4.35
N GLU D 129 -12.94 38.35 -3.59
CA GLU D 129 -14.30 38.60 -3.99
C GLU D 129 -14.39 39.90 -4.78
N PHE D 130 -15.06 39.83 -5.92
CA PHE D 130 -15.32 40.97 -6.80
C PHE D 130 -16.85 41.16 -6.90
N ASP D 131 -17.29 42.19 -7.66
CA ASP D 131 -18.71 42.47 -7.78
C ASP D 131 -19.54 41.30 -8.28
N SER D 132 -19.15 40.67 -9.40
CA SER D 132 -19.91 39.63 -10.07
C SER D 132 -19.52 38.20 -9.72
N PHE D 133 -18.34 38.01 -9.12
CA PHE D 133 -17.86 36.68 -8.85
C PHE D 133 -16.78 36.66 -7.76
N VAL D 134 -16.45 35.44 -7.30
CA VAL D 134 -15.40 35.23 -6.35
C VAL D 134 -14.31 34.42 -7.07
N LEU D 135 -13.07 34.90 -7.01
CA LEU D 135 -11.96 34.22 -7.64
C LEU D 135 -11.19 33.50 -6.56
N VAL D 136 -10.86 32.24 -6.78
CA VAL D 136 -10.03 31.49 -5.84
C VAL D 136 -8.83 31.03 -6.63
N THR D 137 -7.62 31.26 -6.11
CA THR D 137 -6.41 30.70 -6.73
C THR D 137 -5.85 29.70 -5.77
N ALA D 138 -5.42 28.54 -6.28
CA ALA D 138 -4.90 27.50 -5.40
C ALA D 138 -3.68 26.78 -5.97
N TYR D 139 -2.86 26.27 -5.03
CA TYR D 139 -1.74 25.40 -5.31
C TYR D 139 -2.10 24.13 -4.48
N VAL D 140 -2.74 23.15 -5.11
CA VAL D 140 -3.20 21.95 -4.43
C VAL D 140 -2.03 21.06 -3.99
N PRO D 141 -2.08 20.45 -2.79
CA PRO D 141 -0.94 19.63 -2.36
C PRO D 141 -0.67 18.45 -3.29
N ASN D 142 0.59 18.29 -3.68
CA ASN D 142 1.04 17.18 -4.51
C ASN D 142 0.95 15.88 -3.70
N ALA D 143 0.59 14.76 -4.37
CA ALA D 143 0.52 13.45 -3.69
C ALA D 143 1.89 12.93 -3.22
N GLY D 144 2.97 13.53 -3.74
CA GLY D 144 4.33 13.25 -3.34
C GLY D 144 5.01 12.07 -3.97
N ARG D 145 6.35 12.03 -3.82
CA ARG D 145 7.18 10.91 -4.27
C ARG D 145 6.73 9.67 -3.50
N GLY D 146 6.56 8.56 -4.17
CA GLY D 146 6.09 7.34 -3.53
C GLY D 146 4.68 7.42 -2.97
N LEU D 147 3.91 8.46 -3.36
CA LEU D 147 2.54 8.70 -2.91
C LEU D 147 2.44 8.84 -1.39
N VAL D 148 3.52 9.30 -0.72
CA VAL D 148 3.51 9.44 0.73
C VAL D 148 2.50 10.48 1.24
N ARG D 149 2.07 11.39 0.36
CA ARG D 149 1.12 12.45 0.79
C ARG D 149 -0.26 12.22 0.17
N LEU D 150 -0.53 11.01 -0.35
CA LEU D 150 -1.81 10.72 -0.99
C LEU D 150 -2.96 10.72 -0.01
N GLU D 151 -2.77 10.17 1.20
CA GLU D 151 -3.82 10.17 2.21
C GLU D 151 -4.17 11.60 2.61
N TYR D 152 -3.14 12.44 2.80
CA TYR D 152 -3.35 13.84 3.14
C TYR D 152 -4.06 14.56 1.97
N ARG D 153 -3.67 14.26 0.74
CA ARG D 153 -4.26 14.87 -0.45
C ARG D 153 -5.76 14.57 -0.50
N GLN D 154 -6.16 13.34 -0.14
CA GLN D 154 -7.58 12.99 -0.15
C GLN D 154 -8.36 13.79 0.91
N ARG D 155 -7.77 14.01 2.08
CA ARG D 155 -8.38 14.84 3.12
C ARG D 155 -8.51 16.27 2.64
N TRP D 156 -7.46 16.80 1.97
CA TRP D 156 -7.48 18.15 1.42
C TRP D 156 -8.58 18.24 0.37
N ASP D 157 -8.63 17.29 -0.57
CA ASP D 157 -9.64 17.30 -1.64
C ASP D 157 -11.07 17.45 -1.10
N GLU D 158 -11.41 16.69 -0.05
CA GLU D 158 -12.73 16.73 0.54
C GLU D 158 -13.00 18.10 1.21
N ALA D 159 -12.04 18.60 1.99
CA ALA D 159 -12.21 19.89 2.69
C ALA D 159 -12.33 21.05 1.69
N PHE D 160 -11.55 21.00 0.62
CA PHE D 160 -11.57 22.04 -0.41
C PHE D 160 -12.90 22.02 -1.17
N ARG D 161 -13.41 20.82 -1.48
CA ARG D 161 -14.69 20.66 -2.20
C ARG D 161 -15.83 21.26 -1.36
N LYS D 162 -15.86 20.92 -0.06
CA LYS D 162 -16.84 21.44 0.88
C LYS D 162 -16.76 22.97 0.96
N PHE D 163 -15.54 23.51 1.06
CA PHE D 163 -15.33 24.96 1.11
C PHE D 163 -15.83 25.66 -0.16
N LEU D 164 -15.49 25.13 -1.34
CA LEU D 164 -15.91 25.73 -2.61
C LEU D 164 -17.41 25.66 -2.84
N LYS D 165 -18.05 24.55 -2.41
CA LYS D 165 -19.51 24.42 -2.52
C LYS D 165 -20.20 25.55 -1.70
N GLY D 166 -19.63 25.86 -0.54
CA GLY D 166 -20.13 26.93 0.32
C GLY D 166 -20.00 28.30 -0.32
N LEU D 167 -18.84 28.55 -0.97
CA LEU D 167 -18.60 29.82 -1.65
C LEU D 167 -19.56 29.98 -2.82
N ALA D 168 -19.75 28.91 -3.61
CA ALA D 168 -20.60 28.94 -4.79
C ALA D 168 -22.08 29.15 -4.47
N SER D 169 -22.51 28.80 -3.26
CA SER D 169 -23.90 29.01 -2.85
C SER D 169 -24.25 30.51 -2.64
N ARG D 170 -23.24 31.39 -2.58
CA ARG D 170 -23.45 32.81 -2.36
C ARG D 170 -23.15 33.63 -3.62
N LYS D 171 -22.09 33.27 -4.35
CA LYS D 171 -21.69 34.02 -5.54
C LYS D 171 -21.06 33.10 -6.58
N PRO D 172 -21.17 33.44 -7.88
CA PRO D 172 -20.52 32.61 -8.91
C PRO D 172 -19.01 32.55 -8.68
N LEU D 173 -18.40 31.40 -8.95
CA LEU D 173 -17.00 31.16 -8.63
C LEU D 173 -16.12 30.88 -9.83
N VAL D 174 -14.87 31.33 -9.77
CA VAL D 174 -13.85 30.99 -10.76
C VAL D 174 -12.73 30.43 -9.91
N LEU D 175 -12.34 29.19 -10.13
CA LEU D 175 -11.22 28.58 -9.40
C LEU D 175 -10.11 28.43 -10.41
N CYS D 176 -8.93 28.99 -10.15
CA CYS D 176 -7.83 28.82 -11.06
C CYS D 176 -6.58 28.37 -10.30
N GLY D 177 -5.71 27.71 -11.04
CA GLY D 177 -4.44 27.30 -10.43
C GLY D 177 -3.94 25.94 -10.80
N ASP D 178 -2.96 25.49 -10.03
CA ASP D 178 -2.32 24.21 -10.22
C ASP D 178 -3.08 23.27 -9.31
N LEU D 179 -3.97 22.46 -9.89
CA LEU D 179 -4.82 21.55 -9.08
C LEU D 179 -4.14 20.19 -8.93
N ASN D 180 -2.94 20.02 -9.48
CA ASN D 180 -2.15 18.80 -9.30
C ASN D 180 -2.88 17.49 -9.62
N VAL D 181 -3.60 17.50 -10.74
CA VAL D 181 -4.25 16.32 -11.25
C VAL D 181 -4.52 16.52 -12.72
N ALA D 182 -4.23 15.49 -13.51
CA ALA D 182 -4.59 15.45 -14.92
C ALA D 182 -5.90 14.59 -14.90
N HIS D 183 -7.07 15.24 -15.00
CA HIS D 183 -8.38 14.58 -14.86
C HIS D 183 -8.57 13.30 -15.66
N GLU D 184 -8.39 13.34 -16.98
CA GLU D 184 -8.67 12.20 -17.83
C GLU D 184 -7.45 11.74 -18.62
N GLU D 185 -7.55 10.62 -19.36
CA GLU D 185 -6.42 10.15 -20.18
C GLU D 185 -5.95 11.20 -21.19
N ILE D 186 -6.89 11.97 -21.75
CA ILE D 186 -6.57 13.03 -22.70
C ILE D 186 -5.74 14.18 -22.04
N ASP D 187 -5.69 14.25 -20.70
CA ASP D 187 -5.00 15.33 -19.99
C ASP D 187 -3.51 15.07 -19.73
N LEU D 188 -2.96 13.91 -20.15
CA LEU D 188 -1.51 13.70 -20.04
C LEU D 188 -0.97 12.81 -21.16
N ARG D 189 0.32 12.98 -21.51
CA ARG D 189 0.88 12.25 -22.65
C ARG D 189 0.99 10.75 -22.43
N ASN D 190 1.34 10.34 -21.22
CA ASN D 190 1.53 8.94 -20.89
C ASN D 190 0.60 8.47 -19.76
N PRO D 191 -0.69 8.23 -20.07
CA PRO D 191 -1.61 7.76 -19.02
C PRO D 191 -1.25 6.38 -18.48
N LYS D 192 -0.86 5.46 -19.36
CA LYS D 192 -0.55 4.08 -18.98
C LYS D 192 0.57 3.96 -17.96
N GLY D 193 1.65 4.70 -18.16
CA GLY D 193 2.79 4.64 -17.26
C GLY D 193 2.68 5.48 -15.99
N ASN D 194 1.61 6.28 -15.88
CA ASN D 194 1.46 7.18 -14.75
C ASN D 194 0.28 6.90 -13.82
N LYS D 195 -0.49 5.80 -14.05
CA LYS D 195 -1.66 5.46 -13.22
C LYS D 195 -1.36 5.25 -11.72
N LYS D 196 -0.09 5.08 -11.34
CA LYS D 196 0.29 4.95 -9.92
C LYS D 196 1.25 6.07 -9.47
N ASN D 197 1.30 7.19 -10.22
CA ASN D 197 2.18 8.31 -9.89
C ASN D 197 1.35 9.50 -9.50
N ALA D 198 1.92 10.41 -8.70
CA ALA D 198 1.23 11.63 -8.27
C ALA D 198 0.77 12.42 -9.48
N GLY D 199 -0.48 12.82 -9.48
CA GLY D 199 -1.07 13.55 -10.59
C GLY D 199 -2.02 12.71 -11.43
N PHE D 200 -1.84 11.36 -11.42
CA PHE D 200 -2.71 10.52 -12.24
C PHE D 200 -3.23 9.28 -11.51
N THR D 201 -3.27 9.33 -10.16
CA THR D 201 -3.85 8.19 -9.42
C THR D 201 -5.38 8.17 -9.54
N PRO D 202 -6.01 6.99 -9.40
CA PRO D 202 -7.49 6.99 -9.40
C PRO D 202 -8.05 7.86 -8.26
N GLN D 203 -7.36 7.93 -7.11
CA GLN D 203 -7.81 8.74 -5.97
C GLN D 203 -7.92 10.22 -6.34
N GLU D 204 -6.90 10.76 -7.02
CA GLU D 204 -6.90 12.16 -7.39
C GLU D 204 -7.87 12.42 -8.50
N ARG D 205 -7.90 11.53 -9.52
CA ARG D 205 -8.81 11.69 -10.65
C ARG D 205 -10.27 11.64 -10.16
N GLN D 206 -10.56 10.74 -9.21
CA GLN D 206 -11.91 10.62 -8.65
C GLN D 206 -12.26 11.90 -7.88
N GLY D 207 -11.30 12.44 -7.12
CA GLY D 207 -11.50 13.68 -6.39
C GLY D 207 -11.81 14.86 -7.33
N PHE D 208 -11.13 14.94 -8.48
CA PHE D 208 -11.37 16.02 -9.45
C PHE D 208 -12.78 15.89 -10.02
N GLY D 209 -13.20 14.68 -10.35
CA GLY D 209 -14.56 14.43 -10.85
C GLY D 209 -15.60 14.82 -9.82
N GLU D 210 -15.31 14.55 -8.54
CA GLU D 210 -16.23 14.91 -7.45
C GLU D 210 -16.32 16.42 -7.30
N LEU D 211 -15.22 17.13 -7.50
CA LEU D 211 -15.20 18.59 -7.40
C LEU D 211 -16.08 19.21 -8.49
N LEU D 212 -15.99 18.70 -9.74
CA LEU D 212 -16.81 19.21 -10.83
C LEU D 212 -18.29 18.95 -10.57
N GLN D 213 -18.63 17.77 -10.02
CA GLN D 213 -20.02 17.39 -9.80
C GLN D 213 -20.68 18.09 -8.59
N ALA D 214 -19.96 18.17 -7.47
CA ALA D 214 -20.52 18.67 -6.21
C ALA D 214 -20.72 20.17 -6.06
N VAL D 215 -19.81 21.00 -6.60
CA VAL D 215 -19.90 22.44 -6.39
C VAL D 215 -21.15 23.07 -7.05
N PRO D 216 -21.49 22.87 -8.35
CA PRO D 216 -20.72 22.22 -9.42
C PRO D 216 -19.83 23.22 -10.17
N LEU D 217 -18.86 22.69 -10.89
CA LEU D 217 -17.95 23.50 -11.67
C LEU D 217 -17.76 22.85 -13.04
N ALA D 218 -17.42 23.66 -14.03
CA ALA D 218 -17.11 23.21 -15.37
C ALA D 218 -15.63 23.50 -15.64
N ASP D 219 -14.94 22.59 -16.31
CA ASP D 219 -13.56 22.78 -16.70
C ASP D 219 -13.60 23.63 -17.97
N SER D 220 -13.32 24.95 -17.88
CA SER D 220 -13.43 25.87 -19.01
C SER D 220 -12.76 25.39 -20.29
N PHE D 221 -11.47 25.01 -20.21
CA PHE D 221 -10.76 24.53 -21.38
C PHE D 221 -11.45 23.29 -22.00
N ARG D 222 -11.69 22.23 -21.20
CA ARG D 222 -12.30 21.02 -21.75
C ARG D 222 -13.73 21.24 -22.25
N HIS D 223 -14.45 22.17 -21.62
CA HIS D 223 -15.81 22.51 -22.04
C HIS D 223 -15.80 23.07 -23.47
N LEU D 224 -14.80 23.91 -23.78
CA LEU D 224 -14.69 24.52 -25.11
C LEU D 224 -14.02 23.62 -26.14
N TYR D 225 -13.10 22.75 -25.68
CA TYR D 225 -12.33 21.89 -26.58
C TYR D 225 -12.43 20.45 -26.05
N PRO D 226 -13.63 19.85 -26.12
CA PRO D 226 -13.82 18.51 -25.53
C PRO D 226 -13.01 17.35 -26.09
N ASN D 227 -12.59 17.46 -27.36
CA ASN D 227 -11.87 16.35 -27.99
C ASN D 227 -10.42 16.67 -28.35
N THR D 228 -9.89 17.79 -27.89
CA THR D 228 -8.54 18.20 -28.22
C THR D 228 -7.44 17.54 -27.38
N PRO D 229 -6.58 16.72 -28.00
CA PRO D 229 -5.51 16.07 -27.25
C PRO D 229 -4.21 16.89 -27.26
N TYR D 230 -3.21 16.44 -26.49
CA TYR D 230 -1.85 17.06 -26.51
C TYR D 230 -1.82 18.49 -25.94
N ALA D 231 -2.84 18.90 -25.20
CA ALA D 231 -2.91 20.25 -24.63
C ALA D 231 -2.53 20.14 -23.16
N TYR D 232 -1.27 20.52 -22.86
CA TYR D 232 -0.74 20.36 -21.49
C TYR D 232 -0.22 21.70 -20.94
N THR D 233 -0.03 21.76 -19.62
CA THR D 233 0.45 22.98 -18.94
C THR D 233 1.69 22.71 -18.06
N PHE D 234 2.17 21.47 -17.98
CA PHE D 234 3.33 21.14 -17.19
C PHE D 234 4.16 20.11 -17.96
N TRP D 235 5.48 20.23 -17.91
CA TRP D 235 6.37 19.24 -18.49
C TRP D 235 7.57 19.17 -17.54
N THR D 236 7.98 17.96 -17.14
CA THR D 236 9.14 17.84 -16.27
C THR D 236 10.39 18.45 -16.91
N TYR D 237 11.24 19.10 -16.10
CA TYR D 237 12.46 19.67 -16.61
C TYR D 237 13.41 18.59 -17.17
N MET D 238 13.23 17.32 -16.77
CA MET D 238 14.10 16.22 -17.21
C MET D 238 13.71 15.63 -18.57
N MET D 239 14.69 14.93 -19.21
CA MET D 239 14.57 14.20 -20.48
C MET D 239 13.98 14.99 -21.66
N ASN D 240 14.21 16.32 -21.73
CA ASN D 240 13.70 17.18 -22.80
C ASN D 240 12.18 17.01 -23.01
N ALA D 241 11.45 16.78 -21.92
CA ALA D 241 10.02 16.52 -21.98
C ALA D 241 9.23 17.61 -22.67
N ARG D 242 9.57 18.88 -22.42
CA ARG D 242 8.85 19.98 -23.06
C ARG D 242 9.00 19.99 -24.59
N SER D 243 10.22 19.78 -25.10
CA SER D 243 10.47 19.75 -26.55
C SER D 243 9.70 18.60 -27.25
N LYS D 244 9.45 17.50 -26.54
CA LYS D 244 8.68 16.38 -27.08
C LYS D 244 7.19 16.43 -26.73
N ASN D 245 6.77 17.46 -25.98
CA ASN D 245 5.42 17.66 -25.46
C ASN D 245 4.94 16.46 -24.63
N VAL D 246 5.82 15.90 -23.81
CA VAL D 246 5.46 14.82 -22.91
C VAL D 246 5.06 15.57 -21.65
N GLY D 247 3.80 15.99 -21.59
CA GLY D 247 3.31 16.80 -20.49
C GLY D 247 2.03 16.36 -19.84
N TRP D 248 1.52 17.22 -18.94
CA TRP D 248 0.31 16.99 -18.18
C TRP D 248 -0.46 18.31 -18.12
N ARG D 249 -1.79 18.25 -18.17
CA ARG D 249 -2.60 19.44 -17.97
C ARG D 249 -2.98 19.43 -16.51
N LEU D 250 -2.25 20.20 -15.71
CA LEU D 250 -2.45 20.30 -14.27
C LEU D 250 -3.07 21.65 -13.86
N ASP D 251 -3.12 22.63 -14.78
CA ASP D 251 -3.55 23.98 -14.47
C ASP D 251 -4.86 24.25 -15.16
N TYR D 252 -5.82 24.73 -14.38
CA TYR D 252 -7.19 24.90 -14.86
C TYR D 252 -7.84 26.22 -14.51
N PHE D 253 -8.92 26.55 -15.22
CA PHE D 253 -9.88 27.55 -14.80
C PHE D 253 -11.20 26.77 -14.73
N LEU D 254 -11.75 26.59 -13.53
CA LEU D 254 -13.02 25.91 -13.31
C LEU D 254 -14.04 26.98 -12.99
N LEU D 255 -15.21 26.92 -13.64
CA LEU D 255 -16.20 27.97 -13.46
C LEU D 255 -17.53 27.46 -13.01
N SER D 256 -18.26 28.28 -12.25
CA SER D 256 -19.64 27.92 -11.88
CA SER D 256 -19.64 27.92 -11.88
C SER D 256 -20.46 27.91 -13.19
N HIS D 257 -21.48 27.04 -13.25
CA HIS D 257 -22.31 26.91 -14.45
C HIS D 257 -22.95 28.24 -14.86
N SER D 258 -23.26 29.11 -13.88
CA SER D 258 -23.84 30.44 -14.14
C SER D 258 -22.91 31.39 -14.90
N LEU D 259 -21.59 31.12 -14.88
CA LEU D 259 -20.60 31.93 -15.62
C LEU D 259 -20.31 31.41 -17.03
N LEU D 260 -20.85 30.23 -17.39
CA LEU D 260 -20.66 29.70 -18.75
C LEU D 260 -21.12 30.68 -19.86
N PRO D 261 -22.25 31.43 -19.71
CA PRO D 261 -22.61 32.40 -20.76
C PRO D 261 -21.58 33.55 -20.92
N ALA D 262 -20.75 33.78 -19.89
CA ALA D 262 -19.71 34.81 -19.92
C ALA D 262 -18.38 34.30 -20.48
N LEU D 263 -18.22 32.98 -20.65
CA LEU D 263 -16.98 32.41 -21.14
C LEU D 263 -16.71 32.73 -22.63
N CYS D 264 -15.59 33.42 -22.89
CA CYS D 264 -15.16 33.74 -24.24
C CYS D 264 -14.14 32.69 -24.69
N ASP D 265 -13.08 32.47 -23.88
CA ASP D 265 -12.06 31.48 -24.22
C ASP D 265 -11.26 31.11 -23.00
N SER D 266 -10.54 29.98 -23.09
CA SER D 266 -9.67 29.48 -22.05
C SER D 266 -8.43 29.03 -22.82
N LYS D 267 -7.31 29.73 -22.61
CA LYS D 267 -6.08 29.53 -23.37
C LYS D 267 -5.00 28.81 -22.60
N ILE D 268 -4.11 28.15 -23.35
CA ILE D 268 -2.93 27.51 -22.81
C ILE D 268 -1.77 28.15 -23.55
N ARG D 269 -0.96 28.97 -22.86
CA ARG D 269 0.14 29.70 -23.49
C ARG D 269 1.37 28.82 -23.56
N SER D 270 1.31 27.80 -24.44
CA SER D 270 2.34 26.78 -24.63
C SER D 270 3.79 27.25 -24.80
N LYS D 271 4.01 28.33 -25.53
CA LYS D 271 5.37 28.79 -25.83
C LYS D 271 6.02 29.69 -24.78
N ALA D 272 5.24 30.13 -23.78
CA ALA D 272 5.74 31.04 -22.77
C ALA D 272 6.65 30.33 -21.79
N LEU D 273 7.93 30.69 -21.81
CA LEU D 273 8.96 30.07 -20.97
C LEU D 273 9.11 30.74 -19.60
N GLY D 274 9.85 30.11 -18.70
CA GLY D 274 10.09 30.68 -17.37
C GLY D 274 9.85 29.77 -16.21
N SER D 275 9.18 28.66 -16.46
CA SER D 275 8.87 27.69 -15.43
C SER D 275 8.74 26.29 -16.06
N ASP D 276 8.46 25.26 -15.23
CA ASP D 276 8.13 23.94 -15.78
C ASP D 276 6.62 23.87 -16.13
N HIS D 277 5.85 24.92 -15.78
CA HIS D 277 4.47 25.08 -16.17
C HIS D 277 4.42 26.28 -17.11
N CYS D 278 3.43 26.27 -18.00
CA CYS D 278 3.17 27.44 -18.84
C CYS D 278 1.95 28.18 -18.26
N PRO D 279 1.78 29.45 -18.59
CA PRO D 279 0.59 30.18 -18.10
C PRO D 279 -0.68 29.70 -18.81
N ILE D 280 -1.82 29.95 -18.19
CA ILE D 280 -3.14 29.74 -18.80
C ILE D 280 -3.91 31.07 -18.66
N THR D 281 -4.78 31.40 -19.62
CA THR D 281 -5.47 32.71 -19.57
C THR D 281 -6.92 32.53 -19.87
N LEU D 282 -7.79 33.19 -19.09
CA LEU D 282 -9.24 33.11 -19.23
C LEU D 282 -9.78 34.46 -19.66
N TYR D 283 -10.72 34.46 -20.62
CA TYR D 283 -11.39 35.67 -21.10
CA TYR D 283 -11.39 35.66 -21.11
C TYR D 283 -12.85 35.55 -20.72
N LEU D 284 -13.36 36.48 -19.90
CA LEU D 284 -14.77 36.49 -19.49
C LEU D 284 -15.42 37.79 -19.92
N ALA D 285 -16.68 37.71 -20.34
CA ALA D 285 -17.47 38.87 -20.70
C ALA D 285 -18.43 39.13 -19.55
N LEU D 286 -17.95 39.82 -18.51
CA LEU D 286 -18.80 40.15 -17.36
C LEU D 286 -19.39 41.52 -17.62
#